data_4CRM
#
_entry.id   4CRM
#
_cell.length_a   1.000
_cell.length_b   1.000
_cell.length_c   1.000
_cell.angle_alpha   90.00
_cell.angle_beta   90.00
_cell.angle_gamma   90.00
#
_symmetry.space_group_name_H-M   'P 1'
#
loop_
_entity.id
_entity.type
_entity.pdbx_description
1 polymer 'TRANSLATION INITIATION FACTOR RLI1'
2 polymer 'EUKARYOTIC PEPTIDE CHAIN RELEASE FACTOR SUBUNIT 1'
3 non-polymer "ADENOSINE-5'-TRIPHOSPHATE"
4 non-polymer 'IRON/SULFUR CLUSTER'
5 non-polymer "ADENOSINE-5'-DIPHOSPHATE"
6 non-polymer 'MAGNESIUM ION'
7 water water
#
loop_
_entity_poly.entity_id
_entity_poly.type
_entity_poly.pdbx_seq_one_letter_code
_entity_poly.pdbx_strand_id
1 'polypeptide(L)'
;MSDKNSRIAIVSADKCKPKKCRQECKRSCPVVKTGKLCIEVTPTSKIAFISEILCIGCGICVKKCPFDAIQIINLPTNLE
AHVTHRYSANSFKLHRLPTPRPGQVLGLVGTNGIGKSTALKILAGKQKPNLGRFDDPPEWQEIIKYFRGSELQNYFTKML
EDDIKAIIKPQYVDNIPRAIKGPVQKVGELLKLRMEKSPEDVKRYIKILQLENVLKRDIEKLSGGELQRFAIGMSCVQEA
DVYMFDEPSSYLDVKQRLNAAQIIRSLLAPTKYVICVEHDLSVLDYLSDFVCIIYGVPSVYGVVTLPASVREGINIFLDG
HIPAENLRFRTEALQFRIADATEDLQNDSASRAFSYPSLKKTQGDFVLNVEEGEFSDSEILVMMGENGTGKTTLIKLLAG
ALKPDEGQDIPKLNVSMKPQKIAPKFPGTVRQLFFKKIRGQFLNPQFQTDVVKPLRIDDIIDQEVQHLSGGELQRVAIVL
ALGIPADIYLIDEPSAYLDSEQRIICSKVIRRFILHNKKTAFIVEHDFIMATYLADKVIVFEGIPSKNAHARAPESLLTG
CNRFLKNLNVTFRRDPNSFRPRINKLDSQMDKEQKSSGNYFFLDNTGI
;
P
2 'polypeptide(L)'
;DDKFGFIVMDGQGTLFGSVSGNTRTVLHKFTVDLPKKHGRGGQSALRFARLREEKRHNYVRKVAEVAVQNFITNDKVNVK
GLILAGSADFKTDLAKSELFDPRLACKVISIVDVSYGGENGFNQAIELSAEALANVKYVQEKKLLEAYFDEISQDTGKFC
YGIDDTLKALDLGAVEKLIVFENLETIRYTFKDAEDNEVIKFAEPEAKDKSFAIDKATGQEMDVVSEEPLIEWLAANYKN
FGATLEFITDKSSEGAQFVTGFGGIGAMLRYKVNFEQLVDES
;
X
#
# COMPACT_ATOMS: atom_id res chain seq x y z
N MET A 1 1.40 -26.95 9.70
CA MET A 1 2.30 -27.65 8.75
C MET A 1 2.85 -26.66 7.77
N SER A 2 2.32 -26.67 6.54
CA SER A 2 2.80 -25.76 5.54
C SER A 2 2.25 -24.41 5.86
N ASP A 3 2.90 -23.37 5.29
CA ASP A 3 2.43 -22.04 5.51
C ASP A 3 1.12 -21.98 4.81
N LYS A 4 0.19 -21.17 5.35
CA LYS A 4 -1.11 -21.05 4.77
C LYS A 4 -1.12 -19.78 4.00
N ASN A 5 -1.53 -19.83 2.71
CA ASN A 5 -1.52 -18.62 1.93
C ASN A 5 -2.63 -18.69 0.93
N SER A 6 -2.92 -17.53 0.30
CA SER A 6 -3.95 -17.47 -0.71
C SER A 6 -3.51 -16.46 -1.72
N ARG A 7 -4.32 -16.31 -2.78
CA ARG A 7 -4.10 -15.31 -3.78
C ARG A 7 -5.46 -14.70 -3.96
N ILE A 8 -5.51 -13.37 -4.20
CA ILE A 8 -6.77 -12.73 -4.42
C ILE A 8 -6.55 -11.81 -5.56
N ALA A 9 -7.47 -11.82 -6.54
CA ALA A 9 -7.28 -10.94 -7.66
C ALA A 9 -8.46 -10.01 -7.70
N ILE A 10 -8.16 -8.70 -7.84
CA ILE A 10 -9.17 -7.70 -8.00
C ILE A 10 -8.76 -6.91 -9.19
N VAL A 11 -9.67 -6.73 -10.16
CA VAL A 11 -9.34 -6.00 -11.34
C VAL A 11 -10.28 -4.85 -11.43
N SER A 12 -9.77 -3.68 -11.88
CA SER A 12 -10.60 -2.53 -12.05
C SER A 12 -10.86 -2.44 -13.53
N ALA A 13 -12.15 -2.49 -13.89
CA ALA A 13 -12.69 -2.44 -15.21
C ALA A 13 -12.50 -1.09 -15.82
N ASP A 14 -12.45 -0.04 -14.99
CA ASP A 14 -12.30 1.30 -15.48
C ASP A 14 -10.97 1.42 -16.15
N LYS A 15 -9.93 0.82 -15.53
CA LYS A 15 -8.56 0.83 -15.99
C LYS A 15 -8.36 -0.07 -17.18
N CYS A 16 -9.28 -1.01 -17.45
CA CYS A 16 -8.99 -1.99 -18.46
C CYS A 16 -9.68 -1.75 -19.77
N LYS A 17 -8.88 -1.84 -20.85
CA LYS A 17 -9.36 -1.81 -22.20
C LYS A 17 -8.63 -2.93 -22.89
N PRO A 18 -9.30 -4.03 -23.26
CA PRO A 18 -8.58 -5.17 -23.76
C PRO A 18 -8.47 -5.06 -25.25
N LYS A 19 -8.91 -3.95 -25.90
CA LYS A 19 -8.59 -3.74 -27.28
C LYS A 19 -7.17 -3.28 -27.37
N LYS A 20 -6.75 -2.39 -26.43
CA LYS A 20 -5.54 -1.61 -26.48
C LYS A 20 -4.28 -2.41 -26.65
N CYS A 21 -4.14 -3.54 -25.91
CA CYS A 21 -2.98 -4.39 -25.95
C CYS A 21 -3.37 -5.77 -26.41
N ARG A 22 -4.61 -5.90 -26.96
CA ARG A 22 -5.34 -7.15 -27.14
C ARG A 22 -5.59 -7.75 -25.78
N GLN A 23 -6.04 -9.03 -25.68
CA GLN A 23 -6.16 -9.64 -24.37
C GLN A 23 -4.81 -10.20 -24.07
N GLU A 24 -4.04 -9.40 -23.30
CA GLU A 24 -2.68 -9.70 -23.00
C GLU A 24 -2.63 -10.48 -21.72
N CYS A 25 -3.75 -10.53 -20.93
CA CYS A 25 -3.72 -11.23 -19.68
C CYS A 25 -3.75 -12.71 -19.89
N LYS A 26 -4.62 -13.20 -20.82
CA LYS A 26 -4.78 -14.61 -21.07
C LYS A 26 -3.51 -15.15 -21.66
N ARG A 27 -2.92 -14.38 -22.60
CA ARG A 27 -1.63 -14.73 -23.12
C ARG A 27 -0.75 -14.31 -21.99
N SER A 28 0.56 -14.54 -22.01
CA SER A 28 1.36 -14.05 -20.91
C SER A 28 1.26 -14.96 -19.71
N CYS A 29 0.03 -15.23 -19.19
CA CYS A 29 -0.17 -16.04 -18.02
C CYS A 29 0.34 -17.43 -18.28
N PRO A 30 1.20 -17.89 -17.40
CA PRO A 30 1.82 -19.19 -17.49
C PRO A 30 0.88 -20.33 -17.22
N VAL A 31 -0.20 -20.08 -16.46
CA VAL A 31 -1.17 -21.08 -16.14
C VAL A 31 -1.91 -21.46 -17.39
N VAL A 32 -2.30 -20.45 -18.19
CA VAL A 32 -3.05 -20.60 -19.41
C VAL A 32 -2.19 -21.21 -20.46
N LYS A 33 -0.87 -20.97 -20.38
CA LYS A 33 0.03 -21.53 -21.36
C LYS A 33 -0.07 -23.01 -21.29
N THR A 34 -0.14 -23.57 -20.06
CA THR A 34 -0.24 -25.00 -19.87
C THR A 34 -1.58 -25.47 -20.33
N GLY A 35 -2.61 -24.59 -20.32
CA GLY A 35 -3.91 -25.04 -20.73
C GLY A 35 -4.85 -24.94 -19.56
N LYS A 36 -4.42 -24.27 -18.47
CA LYS A 36 -5.23 -24.11 -17.31
C LYS A 36 -6.15 -22.91 -17.43
N LEU A 37 -7.04 -22.78 -16.44
CA LEU A 37 -8.12 -21.85 -16.17
C LEU A 37 -7.83 -20.53 -15.48
N CYS A 38 -6.60 -20.18 -15.07
CA CYS A 38 -6.37 -19.04 -14.20
C CYS A 38 -7.07 -17.80 -14.68
N ILE A 39 -6.99 -17.46 -15.98
CA ILE A 39 -7.71 -16.30 -16.43
C ILE A 39 -8.62 -16.75 -17.54
N GLU A 40 -9.92 -16.42 -17.44
CA GLU A 40 -10.89 -16.80 -18.44
C GLU A 40 -11.43 -15.55 -19.04
N VAL A 41 -11.76 -15.48 -20.25
CA VAL A 41 -12.20 -14.31 -20.90
C VAL A 41 -13.73 -14.47 -20.93
N THR A 42 -14.42 -13.29 -20.53
CA THR A 42 -15.84 -13.20 -20.55
C THR A 42 -16.17 -12.53 -21.85
N PRO A 43 -16.77 -13.27 -22.74
CA PRO A 43 -17.12 -12.80 -24.05
C PRO A 43 -18.24 -11.81 -24.17
N THR A 44 -19.23 -11.84 -23.25
CA THR A 44 -20.31 -10.90 -23.35
C THR A 44 -19.92 -9.53 -22.85
N SER A 45 -19.36 -9.47 -21.62
CA SER A 45 -19.00 -8.27 -20.94
C SER A 45 -17.70 -7.74 -21.47
N LYS A 46 -16.88 -8.63 -22.08
CA LYS A 46 -15.60 -8.28 -22.61
C LYS A 46 -14.68 -7.83 -21.52
N ILE A 47 -14.59 -8.61 -20.42
CA ILE A 47 -13.73 -8.27 -19.33
C ILE A 47 -12.92 -9.50 -19.02
N ALA A 48 -11.66 -9.34 -18.52
CA ALA A 48 -10.89 -10.47 -18.12
C ALA A 48 -11.32 -10.84 -16.75
N PHE A 49 -11.31 -12.15 -16.43
CA PHE A 49 -11.66 -12.59 -15.12
C PHE A 49 -10.51 -13.42 -14.65
N ILE A 50 -10.13 -13.26 -13.36
CA ILE A 50 -9.06 -14.08 -12.85
C ILE A 50 -9.63 -14.92 -11.77
N SER A 51 -9.44 -16.25 -11.88
CA SER A 51 -9.92 -17.17 -10.90
C SER A 51 -8.80 -17.33 -9.93
N GLU A 52 -9.14 -17.27 -8.64
CA GLU A 52 -8.26 -17.33 -7.52
C GLU A 52 -7.77 -18.73 -7.26
N ILE A 53 -8.53 -19.74 -7.70
CA ILE A 53 -8.16 -21.11 -7.48
C ILE A 53 -6.99 -21.56 -8.31
N LEU A 54 -7.01 -21.24 -9.62
CA LEU A 54 -5.99 -21.60 -10.58
C LEU A 54 -4.79 -20.71 -10.65
N CYS A 55 -4.88 -19.43 -10.21
CA CYS A 55 -3.79 -18.51 -10.28
C CYS A 55 -2.65 -19.00 -9.42
N ILE A 56 -1.40 -18.80 -9.93
CA ILE A 56 -0.12 -19.11 -9.36
C ILE A 56 0.34 -18.13 -8.32
N GLY A 57 0.04 -16.83 -8.51
CA GLY A 57 0.49 -15.80 -7.60
C GLY A 57 1.76 -15.24 -8.15
N CYS A 58 2.03 -15.55 -9.43
CA CYS A 58 3.23 -15.17 -10.13
C CYS A 58 3.36 -13.68 -10.24
N GLY A 59 2.28 -12.97 -10.61
CA GLY A 59 2.34 -11.54 -10.69
C GLY A 59 2.85 -11.12 -12.04
N ILE A 60 3.03 -12.09 -12.96
CA ILE A 60 3.53 -11.81 -14.28
C ILE A 60 2.54 -10.94 -14.99
N CYS A 61 1.23 -11.25 -14.81
CA CYS A 61 0.17 -10.55 -15.48
C CYS A 61 0.12 -9.12 -15.04
N VAL A 62 0.33 -8.84 -13.74
CA VAL A 62 0.33 -7.50 -13.25
C VAL A 62 1.33 -6.63 -13.95
N LYS A 63 2.59 -7.07 -14.18
CA LYS A 63 3.57 -6.18 -14.74
C LYS A 63 3.49 -6.09 -16.25
N LYS A 64 2.84 -7.08 -16.91
CA LYS A 64 2.48 -7.06 -18.30
C LYS A 64 1.46 -6.02 -18.57
N CYS A 65 0.45 -5.83 -17.66
CA CYS A 65 -0.67 -4.95 -17.92
C CYS A 65 -0.13 -3.58 -18.21
N PRO A 66 -0.53 -2.95 -19.33
CA PRO A 66 0.04 -1.69 -19.74
C PRO A 66 -0.49 -0.61 -18.86
N PHE A 67 -1.75 -0.69 -18.33
CA PHE A 67 -2.17 0.35 -17.42
C PHE A 67 -1.67 0.11 -16.03
N ASP A 68 -2.24 -0.93 -15.36
CA ASP A 68 -1.98 -1.31 -14.00
C ASP A 68 -3.32 -1.71 -13.44
N ALA A 69 -4.14 -2.33 -14.30
CA ALA A 69 -5.48 -2.79 -14.09
C ALA A 69 -5.60 -3.96 -13.15
N ILE A 70 -4.57 -4.82 -13.07
CA ILE A 70 -4.66 -6.03 -12.30
C ILE A 70 -3.85 -5.91 -11.05
N GLN A 71 -4.35 -6.51 -9.94
CA GLN A 71 -3.63 -6.53 -8.72
C GLN A 71 -3.77 -7.89 -8.13
N ILE A 72 -2.63 -8.52 -7.79
CA ILE A 72 -2.61 -9.81 -7.17
C ILE A 72 -1.89 -9.62 -5.89
N ILE A 73 -2.45 -10.13 -4.78
CA ILE A 73 -1.82 -10.00 -3.50
C ILE A 73 -1.79 -11.38 -2.93
N ASN A 74 -0.89 -11.60 -1.94
CA ASN A 74 -0.86 -12.87 -1.30
C ASN A 74 -1.01 -12.61 0.16
N LEU A 75 -2.02 -13.28 0.77
CA LEU A 75 -2.31 -13.13 2.17
C LEU A 75 -2.18 -14.50 2.77
N PRO A 76 -2.01 -14.50 4.06
CA PRO A 76 -1.84 -15.69 4.86
C PRO A 76 -3.12 -16.41 5.14
N THR A 77 -4.22 -16.09 4.42
CA THR A 77 -5.57 -16.54 4.63
C THR A 77 -6.15 -15.86 5.83
N ASN A 78 -5.93 -14.53 5.89
CA ASN A 78 -6.49 -13.63 6.86
C ASN A 78 -7.89 -13.20 6.49
N LEU A 79 -8.16 -12.98 5.17
CA LEU A 79 -9.45 -12.56 4.67
C LEU A 79 -10.45 -13.67 4.55
N GLU A 80 -9.98 -14.89 4.25
CA GLU A 80 -10.85 -15.99 3.95
C GLU A 80 -11.73 -16.36 5.11
N ALA A 81 -11.24 -16.20 6.35
CA ALA A 81 -11.98 -16.62 7.50
C ALA A 81 -13.25 -15.82 7.71
N HIS A 82 -13.17 -14.50 7.52
CA HIS A 82 -14.07 -13.39 7.77
C HIS A 82 -15.15 -13.05 6.75
N VAL A 83 -15.19 -13.68 5.54
CA VAL A 83 -16.02 -13.21 4.43
C VAL A 83 -17.48 -12.97 4.75
N THR A 84 -17.92 -11.68 4.64
CA THR A 84 -19.28 -11.21 4.76
C THR A 84 -20.06 -11.02 3.48
N HIS A 85 -19.45 -10.39 2.46
CA HIS A 85 -20.17 -9.97 1.29
C HIS A 85 -19.16 -9.71 0.21
N ARG A 86 -19.58 -9.86 -1.06
CA ARG A 86 -18.73 -9.58 -2.18
C ARG A 86 -19.60 -8.94 -3.21
N TYR A 87 -19.11 -7.87 -3.86
CA TYR A 87 -19.86 -7.16 -4.85
C TYR A 87 -20.02 -7.96 -6.11
N SER A 88 -18.98 -8.69 -6.53
CA SER A 88 -19.04 -9.48 -7.74
C SER A 88 -17.67 -10.05 -7.94
N ALA A 89 -17.45 -10.65 -9.12
CA ALA A 89 -16.16 -11.22 -9.41
C ALA A 89 -15.19 -10.09 -9.55
N ASN A 90 -14.01 -10.27 -8.92
CA ASN A 90 -12.89 -9.38 -8.94
C ASN A 90 -13.27 -7.99 -8.51
N SER A 91 -14.05 -7.87 -7.42
CA SER A 91 -14.47 -6.58 -6.94
C SER A 91 -14.31 -6.53 -5.46
N PHE A 92 -14.75 -5.42 -4.84
CA PHE A 92 -14.66 -5.17 -3.43
C PHE A 92 -15.44 -6.22 -2.71
N LYS A 93 -14.84 -6.71 -1.60
CA LYS A 93 -15.44 -7.70 -0.76
C LYS A 93 -15.29 -7.17 0.63
N LEU A 94 -16.29 -7.41 1.50
CA LEU A 94 -16.30 -6.84 2.81
C LEU A 94 -15.99 -7.97 3.75
N HIS A 95 -15.36 -7.64 4.90
CA HIS A 95 -15.01 -8.61 5.91
C HIS A 95 -15.38 -8.02 7.23
N ARG A 96 -16.02 -8.85 8.08
CA ARG A 96 -16.50 -8.52 9.40
C ARG A 96 -17.44 -7.35 9.36
N LEU A 97 -18.12 -7.08 10.49
CA LEU A 97 -19.07 -5.99 10.66
C LEU A 97 -18.98 -5.45 12.08
N PRO A 98 -19.45 -4.24 12.28
CA PRO A 98 -19.40 -3.62 13.59
C PRO A 98 -20.54 -4.02 14.47
N THR A 99 -20.27 -4.23 15.77
CA THR A 99 -21.29 -4.63 16.70
C THR A 99 -22.11 -3.46 17.11
N PRO A 100 -23.38 -3.73 17.23
CA PRO A 100 -24.31 -2.76 17.73
C PRO A 100 -24.57 -3.05 19.18
N ARG A 101 -24.84 -2.02 20.01
CA ARG A 101 -25.12 -2.32 21.38
C ARG A 101 -26.14 -1.32 21.86
N PRO A 102 -27.08 -1.78 22.64
CA PRO A 102 -28.09 -0.90 23.15
C PRO A 102 -27.58 -0.01 24.25
N GLY A 103 -28.09 1.23 24.31
CA GLY A 103 -27.78 2.16 25.37
C GLY A 103 -26.39 2.68 25.24
N GLN A 104 -25.73 2.47 24.08
CA GLN A 104 -24.34 2.85 23.96
C GLN A 104 -24.13 3.36 22.56
N VAL A 105 -22.93 3.93 22.29
CA VAL A 105 -22.57 4.36 20.96
C VAL A 105 -21.32 3.60 20.59
N LEU A 106 -21.34 3.00 19.38
CA LEU A 106 -20.23 2.25 18.89
C LEU A 106 -19.66 3.03 17.73
N GLY A 107 -18.34 3.28 17.74
CA GLY A 107 -17.70 4.07 16.73
C GLY A 107 -17.12 3.18 15.66
N LEU A 108 -16.80 3.78 14.49
CA LEU A 108 -16.18 3.13 13.38
C LEU A 108 -15.22 4.14 12.82
N VAL A 109 -13.98 3.72 12.49
CA VAL A 109 -13.04 4.63 11.88
C VAL A 109 -12.25 3.84 10.89
N GLY A 110 -11.92 4.46 9.73
CA GLY A 110 -11.14 3.79 8.73
C GLY A 110 -10.88 4.74 7.60
N THR A 111 -10.06 4.31 6.61
CA THR A 111 -9.80 5.09 5.44
C THR A 111 -10.90 4.80 4.47
N ASN A 112 -11.12 5.66 3.47
CA ASN A 112 -12.23 5.50 2.55
C ASN A 112 -12.05 4.26 1.74
N GLY A 113 -13.19 3.59 1.40
CA GLY A 113 -13.25 2.44 0.53
C GLY A 113 -13.30 1.14 1.28
N ILE A 114 -13.19 1.19 2.62
CA ILE A 114 -13.14 0.06 3.52
C ILE A 114 -14.46 -0.66 3.69
N GLY A 115 -15.61 -0.01 3.40
CA GLY A 115 -16.86 -0.73 3.53
C GLY A 115 -17.61 -0.29 4.75
N LYS A 116 -17.27 0.90 5.28
CA LYS A 116 -17.95 1.49 6.40
C LYS A 116 -19.37 1.74 6.00
N SER A 117 -19.55 2.25 4.76
CA SER A 117 -20.85 2.59 4.24
C SER A 117 -21.64 1.35 3.97
N THR A 118 -20.98 0.30 3.45
CA THR A 118 -21.63 -0.92 3.09
C THR A 118 -22.13 -1.62 4.32
N ALA A 119 -21.35 -1.56 5.41
CA ALA A 119 -21.64 -2.21 6.65
C ALA A 119 -22.92 -1.69 7.21
N LEU A 120 -23.15 -0.37 7.05
CA LEU A 120 -24.29 0.33 7.54
C LEU A 120 -25.51 -0.17 6.83
N LYS A 121 -25.40 -0.39 5.51
CA LYS A 121 -26.50 -0.87 4.72
C LYS A 121 -26.88 -2.24 5.19
N ILE A 122 -25.90 -3.12 5.46
CA ILE A 122 -26.29 -4.46 5.82
C ILE A 122 -27.02 -4.45 7.11
N LEU A 123 -26.60 -3.62 8.09
CA LEU A 123 -27.21 -3.53 9.39
C LEU A 123 -28.60 -2.92 9.27
N ALA A 124 -28.80 -2.02 8.30
CA ALA A 124 -30.00 -1.30 7.98
C ALA A 124 -31.07 -2.17 7.38
N GLY A 125 -30.71 -3.26 6.68
CA GLY A 125 -31.70 -4.11 6.09
C GLY A 125 -31.89 -3.68 4.66
N LYS A 126 -31.14 -2.64 4.24
CA LYS A 126 -31.20 -2.15 2.89
C LYS A 126 -30.60 -3.15 1.93
N GLN A 127 -29.43 -3.74 2.29
CA GLN A 127 -28.77 -4.67 1.43
C GLN A 127 -28.66 -5.95 2.17
N LYS A 128 -28.75 -7.08 1.44
CA LYS A 128 -28.64 -8.40 2.00
C LYS A 128 -27.29 -8.93 1.61
N PRO A 129 -26.52 -9.40 2.57
CA PRO A 129 -25.22 -9.90 2.23
C PRO A 129 -25.31 -11.21 1.53
N ASN A 130 -24.51 -11.37 0.46
CA ASN A 130 -24.41 -12.57 -0.33
C ASN A 130 -23.53 -13.56 0.36
N LEU A 131 -22.67 -13.11 1.29
CA LEU A 131 -21.78 -13.98 2.00
C LEU A 131 -20.68 -14.48 1.11
N GLY A 132 -20.27 -13.65 0.14
CA GLY A 132 -19.18 -14.03 -0.71
C GLY A 132 -19.65 -15.20 -1.49
N ARG A 133 -20.96 -15.24 -1.79
CA ARG A 133 -21.47 -16.36 -2.50
C ARG A 133 -22.72 -15.97 -3.22
N PHE A 134 -23.62 -16.96 -3.33
CA PHE A 134 -24.88 -16.96 -4.01
C PHE A 134 -25.97 -16.20 -3.31
N ASP A 135 -25.92 -16.11 -1.95
CA ASP A 135 -26.92 -15.56 -1.07
C ASP A 135 -27.66 -14.46 -1.76
N ASP A 136 -28.97 -14.67 -1.90
CA ASP A 136 -29.86 -13.95 -2.75
C ASP A 136 -30.45 -12.74 -2.09
N PRO A 137 -31.56 -12.28 -2.62
CA PRO A 137 -32.27 -11.22 -1.98
C PRO A 137 -32.55 -11.78 -0.64
N PRO A 138 -32.67 -10.89 0.31
CA PRO A 138 -32.48 -11.23 1.70
C PRO A 138 -32.75 -12.63 2.12
N GLU A 139 -31.70 -13.46 2.02
CA GLU A 139 -31.75 -14.77 2.58
C GLU A 139 -31.00 -14.53 3.84
N TRP A 140 -31.72 -14.00 4.83
CA TRP A 140 -31.20 -13.61 6.11
C TRP A 140 -30.87 -14.82 6.91
N GLN A 141 -31.52 -15.96 6.63
CA GLN A 141 -31.30 -17.11 7.46
C GLN A 141 -29.84 -17.49 7.44
N GLU A 142 -29.21 -17.46 6.25
CA GLU A 142 -27.84 -17.84 6.09
C GLU A 142 -26.92 -16.85 6.76
N ILE A 143 -27.32 -15.56 6.83
CA ILE A 143 -26.47 -14.55 7.39
C ILE A 143 -26.25 -14.78 8.85
N ILE A 144 -27.29 -15.25 9.58
CA ILE A 144 -27.19 -15.47 10.99
C ILE A 144 -26.14 -16.52 11.22
N LYS A 145 -26.14 -17.57 10.37
CA LYS A 145 -25.25 -18.70 10.49
C LYS A 145 -23.84 -18.23 10.34
N TYR A 146 -23.59 -17.32 9.39
CA TYR A 146 -22.27 -16.85 9.09
C TYR A 146 -21.70 -16.06 10.23
N PHE A 147 -22.59 -15.31 10.91
CA PHE A 147 -22.31 -14.47 12.03
C PHE A 147 -22.17 -15.22 13.32
N ARG A 148 -22.57 -16.51 13.36
CA ARG A 148 -22.47 -17.24 14.59
C ARG A 148 -21.07 -17.12 15.12
N GLY A 149 -20.94 -17.01 16.45
CA GLY A 149 -19.65 -16.85 17.07
C GLY A 149 -19.39 -15.38 17.21
N SER A 150 -20.33 -14.56 16.71
CA SER A 150 -20.22 -13.14 16.80
C SER A 150 -21.53 -12.68 17.37
N GLU A 151 -21.48 -11.51 18.05
CA GLU A 151 -22.56 -10.87 18.74
C GLU A 151 -23.58 -10.30 17.79
N LEU A 152 -23.23 -10.17 16.49
CA LEU A 152 -24.16 -9.70 15.50
C LEU A 152 -25.22 -10.72 15.20
N GLN A 153 -25.01 -11.99 15.58
CA GLN A 153 -25.94 -13.03 15.25
C GLN A 153 -27.31 -12.67 15.80
N ASN A 154 -27.37 -12.14 17.05
CA ASN A 154 -28.66 -11.84 17.62
C ASN A 154 -29.30 -10.72 16.85
N TYR A 155 -28.50 -9.76 16.37
CA TYR A 155 -28.99 -8.59 15.68
C TYR A 155 -29.64 -8.97 14.38
N PHE A 156 -29.04 -9.92 13.63
CA PHE A 156 -29.55 -10.31 12.34
C PHE A 156 -30.86 -11.03 12.47
N THR A 157 -31.11 -11.72 13.60
CA THR A 157 -32.39 -12.34 13.78
C THR A 157 -33.44 -11.27 13.94
N LYS A 158 -33.11 -10.18 14.66
CA LYS A 158 -34.02 -9.10 14.93
C LYS A 158 -34.39 -8.40 13.67
N MET A 159 -33.40 -8.18 12.78
CA MET A 159 -33.56 -7.43 11.56
C MET A 159 -34.50 -8.14 10.61
N LEU A 160 -34.40 -9.47 10.50
CA LEU A 160 -35.17 -10.25 9.58
C LEU A 160 -36.62 -10.22 9.98
N GLU A 161 -36.90 -10.27 11.30
CA GLU A 161 -38.23 -10.28 11.86
C GLU A 161 -38.90 -8.97 11.60
N ASP A 162 -38.10 -7.89 11.44
CA ASP A 162 -38.60 -6.57 11.23
C ASP A 162 -39.17 -6.03 12.51
N ASP A 163 -38.63 -6.53 13.64
CA ASP A 163 -39.04 -6.04 14.92
C ASP A 163 -38.62 -4.60 15.00
N ILE A 164 -37.41 -4.28 14.51
CA ILE A 164 -36.93 -2.93 14.54
C ILE A 164 -36.63 -2.51 13.14
N LYS A 165 -36.85 -1.20 12.85
CA LYS A 165 -36.51 -0.63 11.58
C LYS A 165 -35.53 0.45 11.91
N ALA A 166 -34.28 0.30 11.46
CA ALA A 166 -33.27 1.26 11.78
C ALA A 166 -33.47 2.50 10.95
N ILE A 167 -33.04 3.65 11.51
CA ILE A 167 -33.12 4.92 10.86
C ILE A 167 -31.72 5.22 10.45
N ILE A 168 -31.54 5.63 9.18
CA ILE A 168 -30.23 5.87 8.66
C ILE A 168 -30.08 7.30 8.24
N LYS A 169 -28.95 7.91 8.63
CA LYS A 169 -28.66 9.23 8.15
C LYS A 169 -27.65 8.95 7.07
N PRO A 170 -28.04 9.28 5.85
CA PRO A 170 -27.33 8.93 4.65
C PRO A 170 -25.90 9.40 4.62
N GLN A 171 -25.02 8.60 4.00
CA GLN A 171 -23.61 8.87 3.92
C GLN A 171 -23.20 9.98 2.99
N TYR A 172 -23.48 9.83 1.68
CA TYR A 172 -22.88 10.69 0.69
C TYR A 172 -23.48 12.05 0.80
N VAL A 173 -22.61 13.02 1.13
CA VAL A 173 -22.91 14.39 1.40
C VAL A 173 -23.17 15.21 0.18
N ASP A 174 -22.55 14.85 -0.96
CA ASP A 174 -22.70 15.53 -2.21
C ASP A 174 -24.00 15.19 -2.87
N ASN A 175 -24.48 13.95 -2.65
CA ASN A 175 -25.65 13.39 -3.28
C ASN A 175 -26.93 13.96 -2.77
N ILE A 176 -26.96 14.38 -1.49
CA ILE A 176 -28.18 14.76 -0.82
C ILE A 176 -28.90 15.92 -1.47
N PRO A 177 -28.28 16.98 -1.86
CA PRO A 177 -29.02 18.11 -2.37
C PRO A 177 -29.81 17.82 -3.61
N ARG A 178 -29.26 17.01 -4.52
CA ARG A 178 -29.92 16.69 -5.75
C ARG A 178 -31.13 15.83 -5.48
N ALA A 179 -31.02 14.92 -4.50
CA ALA A 179 -32.08 13.99 -4.18
C ALA A 179 -33.27 14.65 -3.53
N ILE A 180 -33.06 15.57 -2.58
CA ILE A 180 -34.16 16.11 -1.83
C ILE A 180 -34.30 17.55 -2.13
N LYS A 181 -35.56 18.00 -2.27
CA LYS A 181 -35.77 19.39 -2.53
C LYS A 181 -36.94 19.83 -1.75
N GLY A 182 -37.02 21.14 -1.49
CA GLY A 182 -38.16 21.65 -0.82
C GLY A 182 -37.87 23.08 -0.56
N PRO A 183 -38.13 23.88 -1.55
CA PRO A 183 -38.13 25.29 -1.33
C PRO A 183 -39.36 25.51 -0.53
N VAL A 184 -40.46 24.87 -0.95
CA VAL A 184 -41.70 24.87 -0.24
C VAL A 184 -41.54 23.97 0.94
N GLN A 185 -41.02 22.76 0.69
CA GLN A 185 -40.82 21.83 1.75
C GLN A 185 -39.40 22.00 2.16
N LYS A 186 -39.16 23.08 2.92
CA LYS A 186 -37.85 23.41 3.34
C LYS A 186 -37.55 22.50 4.48
N VAL A 187 -36.52 22.89 5.25
CA VAL A 187 -36.05 22.16 6.37
C VAL A 187 -37.13 22.10 7.41
N GLY A 188 -37.89 23.20 7.58
CA GLY A 188 -38.88 23.28 8.61
C GLY A 188 -39.91 22.24 8.41
N GLU A 189 -40.33 21.99 7.17
CA GLU A 189 -41.38 21.04 6.93
C GLU A 189 -40.93 19.67 7.33
N LEU A 190 -39.66 19.31 7.05
CA LEU A 190 -39.18 17.99 7.34
C LEU A 190 -39.17 17.74 8.82
N LEU A 191 -38.76 18.74 9.61
CA LEU A 191 -38.66 18.63 11.04
C LEU A 191 -40.00 18.52 11.69
N LYS A 192 -41.04 19.09 11.08
CA LYS A 192 -42.38 18.97 11.61
C LYS A 192 -42.94 17.59 11.41
N LEU A 193 -42.71 16.99 10.22
CA LEU A 193 -43.27 15.70 9.87
C LEU A 193 -42.66 14.59 10.68
N ARG A 194 -41.32 14.59 10.77
CA ARG A 194 -40.51 13.59 11.41
C ARG A 194 -40.68 13.60 12.90
N MET A 195 -41.12 14.73 13.49
CA MET A 195 -41.17 14.82 14.92
C MET A 195 -42.20 13.92 15.53
N GLU A 196 -41.76 12.70 15.90
CA GLU A 196 -42.49 11.72 16.64
C GLU A 196 -42.39 12.03 18.10
N LYS A 197 -41.30 12.71 18.50
CA LYS A 197 -41.04 13.06 19.86
C LYS A 197 -42.01 14.14 20.19
N SER A 198 -41.53 15.26 20.74
CA SER A 198 -42.51 16.23 21.16
C SER A 198 -42.36 17.51 20.42
N PRO A 199 -43.32 18.37 20.63
CA PRO A 199 -43.30 19.67 20.07
C PRO A 199 -42.12 20.35 20.68
N GLU A 200 -41.72 19.91 21.89
CA GLU A 200 -40.55 20.42 22.52
C GLU A 200 -39.40 19.93 21.70
N ASP A 201 -39.55 18.71 21.15
CA ASP A 201 -38.49 18.10 20.44
C ASP A 201 -38.11 19.00 19.30
N VAL A 202 -39.08 19.66 18.65
CA VAL A 202 -38.67 20.49 17.56
C VAL A 202 -37.78 21.60 18.05
N LYS A 203 -38.19 22.28 19.13
CA LYS A 203 -37.49 23.43 19.64
C LYS A 203 -36.14 23.06 20.20
N ARG A 204 -36.07 21.99 21.01
CA ARG A 204 -34.84 21.70 21.69
C ARG A 204 -33.76 21.36 20.72
N TYR A 205 -34.08 20.52 19.73
CA TYR A 205 -33.12 20.05 18.77
C TYR A 205 -32.65 21.17 17.92
N ILE A 206 -33.56 22.08 17.51
CA ILE A 206 -33.17 23.17 16.66
C ILE A 206 -32.20 24.06 17.39
N LYS A 207 -32.45 24.34 18.69
CA LYS A 207 -31.62 25.27 19.42
C LYS A 207 -30.19 24.83 19.54
N ILE A 208 -29.97 23.56 19.93
CA ILE A 208 -28.67 22.99 20.22
C ILE A 208 -27.81 22.86 18.99
N LEU A 209 -28.45 22.59 17.84
CA LEU A 209 -27.84 22.40 16.55
C LEU A 209 -27.47 23.67 15.83
N GLN A 210 -28.04 24.82 16.25
CA GLN A 210 -27.89 26.15 15.69
C GLN A 210 -28.47 26.29 14.31
N LEU A 211 -29.62 25.61 14.11
CA LEU A 211 -30.50 25.53 12.98
C LEU A 211 -31.47 26.67 12.88
N GLU A 212 -31.55 27.58 13.87
CA GLU A 212 -32.61 28.56 13.87
C GLU A 212 -32.69 29.34 12.59
N ASN A 213 -31.56 29.81 12.03
CA ASN A 213 -31.63 30.62 10.84
C ASN A 213 -32.11 29.84 9.65
N VAL A 214 -31.63 28.60 9.51
CA VAL A 214 -31.80 27.72 8.39
C VAL A 214 -33.15 27.12 8.17
N LEU A 215 -34.12 27.24 9.11
CA LEU A 215 -35.36 26.53 8.90
C LEU A 215 -36.07 26.98 7.64
N LYS A 216 -36.10 28.29 7.37
CA LYS A 216 -36.80 28.87 6.26
C LYS A 216 -36.19 28.52 4.93
N ARG A 217 -34.86 28.32 4.87
CA ARG A 217 -34.19 28.01 3.63
C ARG A 217 -34.58 26.64 3.20
N ASP A 218 -34.46 26.39 1.87
CA ASP A 218 -34.75 25.09 1.32
C ASP A 218 -33.50 24.25 1.38
N ILE A 219 -33.67 22.92 1.17
CA ILE A 219 -32.62 21.93 1.30
C ILE A 219 -31.53 22.12 0.28
N GLU A 220 -31.90 22.41 -0.97
CA GLU A 220 -30.96 22.54 -2.05
C GLU A 220 -30.12 23.77 -1.85
N LYS A 221 -30.71 24.79 -1.22
CA LYS A 221 -30.11 26.07 -0.93
C LYS A 221 -29.05 25.94 0.12
N LEU A 222 -29.15 24.92 1.01
CA LEU A 222 -28.27 24.84 2.14
C LEU A 222 -26.83 24.67 1.77
N SER A 223 -25.96 25.20 2.67
CA SER A 223 -24.54 25.05 2.57
C SER A 223 -24.25 23.70 3.15
N GLY A 224 -22.99 23.22 3.02
CA GLY A 224 -22.65 21.88 3.38
C GLY A 224 -22.87 21.61 4.84
N GLY A 225 -22.49 22.54 5.72
CA GLY A 225 -22.60 22.34 7.13
C GLY A 225 -24.04 22.26 7.56
N GLU A 226 -24.90 23.09 6.94
CA GLU A 226 -26.30 23.20 7.26
C GLU A 226 -27.02 21.98 6.82
N LEU A 227 -26.61 21.43 5.66
CA LEU A 227 -27.20 20.28 5.04
C LEU A 227 -27.04 19.09 5.93
N GLN A 228 -25.86 18.96 6.56
CA GLN A 228 -25.56 17.85 7.40
C GLN A 228 -26.43 17.84 8.62
N ARG A 229 -26.59 19.00 9.26
CA ARG A 229 -27.25 19.13 10.54
C ARG A 229 -28.71 18.83 10.49
N PHE A 230 -29.37 19.11 9.35
CA PHE A 230 -30.77 18.84 9.16
C PHE A 230 -31.01 17.38 9.24
N ALA A 231 -30.08 16.58 8.68
CA ALA A 231 -30.17 15.15 8.67
C ALA A 231 -30.09 14.65 10.08
N ILE A 232 -29.25 15.27 10.91
CA ILE A 232 -29.06 14.91 12.29
C ILE A 232 -30.34 15.12 13.04
N GLY A 233 -31.05 16.22 12.74
CA GLY A 233 -32.25 16.58 13.44
C GLY A 233 -33.31 15.51 13.28
N MET A 234 -33.46 14.95 12.07
CA MET A 234 -34.44 13.96 11.74
C MET A 234 -34.13 12.67 12.43
N SER A 235 -32.85 12.40 12.71
CA SER A 235 -32.41 11.18 13.33
C SER A 235 -32.59 11.17 14.83
N CYS A 236 -32.92 12.32 15.45
CA CYS A 236 -33.32 12.40 16.83
C CYS A 236 -34.81 12.38 16.96
N VAL A 237 -35.46 13.01 15.98
CA VAL A 237 -36.86 13.27 15.91
C VAL A 237 -37.59 11.97 15.70
N GLN A 238 -37.00 11.03 14.95
CA GLN A 238 -37.59 9.76 14.64
C GLN A 238 -37.76 8.97 15.90
N GLU A 239 -38.77 8.06 15.87
CA GLU A 239 -39.04 7.14 16.95
C GLU A 239 -38.58 5.81 16.45
N ALA A 240 -37.66 5.17 17.20
CA ALA A 240 -37.08 3.91 16.81
C ALA A 240 -36.15 3.57 17.93
N ASP A 241 -35.48 2.40 17.86
CA ASP A 241 -34.44 1.99 18.79
C ASP A 241 -33.03 2.20 18.29
N VAL A 242 -32.80 2.07 16.96
CA VAL A 242 -31.49 2.07 16.39
C VAL A 242 -31.34 3.28 15.53
N TYR A 243 -30.28 4.06 15.81
CA TYR A 243 -30.06 5.26 15.06
C TYR A 243 -28.69 5.12 14.49
N MET A 244 -28.59 5.11 13.15
CA MET A 244 -27.32 4.94 12.54
C MET A 244 -26.93 6.26 11.98
N PHE A 245 -25.67 6.66 12.24
CA PHE A 245 -25.14 7.86 11.70
C PHE A 245 -23.99 7.41 10.88
N ASP A 246 -23.86 7.97 9.67
CA ASP A 246 -22.74 7.62 8.85
C ASP A 246 -22.08 8.93 8.50
N GLU A 247 -20.89 9.19 9.08
CA GLU A 247 -20.10 10.40 8.91
C GLU A 247 -20.83 11.68 9.23
N PRO A 248 -21.21 11.91 10.47
CA PRO A 248 -21.91 13.13 10.87
C PRO A 248 -21.08 14.40 10.97
N SER A 249 -19.74 14.32 10.95
CA SER A 249 -18.84 15.44 11.07
C SER A 249 -18.58 16.11 9.75
N SER A 250 -18.96 15.47 8.63
CA SER A 250 -18.64 15.98 7.32
C SER A 250 -19.24 17.34 7.10
N TYR A 251 -18.42 18.24 6.51
CA TYR A 251 -18.73 19.61 6.16
C TYR A 251 -18.80 20.51 7.36
N LEU A 252 -19.00 19.96 8.57
CA LEU A 252 -19.24 20.79 9.72
C LEU A 252 -18.00 21.48 10.16
N ASP A 253 -18.18 22.63 10.86
CA ASP A 253 -17.11 23.37 11.44
C ASP A 253 -16.78 22.76 12.78
N VAL A 254 -15.72 23.30 13.42
CA VAL A 254 -15.16 22.79 14.66
C VAL A 254 -16.10 22.90 15.81
N LYS A 255 -16.81 24.03 15.95
CA LYS A 255 -17.73 24.21 17.05
C LYS A 255 -18.92 23.31 16.91
N GLN A 256 -19.46 23.21 15.69
CA GLN A 256 -20.68 22.49 15.42
C GLN A 256 -20.54 20.99 15.52
N ARG A 257 -19.38 20.43 15.13
CA ARG A 257 -19.14 19.01 15.15
C ARG A 257 -19.16 18.49 16.55
N LEU A 258 -18.67 19.29 17.51
CA LEU A 258 -18.67 18.90 18.88
C LEU A 258 -20.08 18.89 19.39
N ASN A 259 -20.90 19.86 18.92
CA ASN A 259 -22.28 19.99 19.32
C ASN A 259 -23.07 18.80 18.85
N ALA A 260 -22.82 18.34 17.61
CA ALA A 260 -23.51 17.22 17.04
C ALA A 260 -23.23 16.00 17.85
N ALA A 261 -21.97 15.83 18.29
CA ALA A 261 -21.53 14.67 19.00
C ALA A 261 -22.26 14.51 20.30
N GLN A 262 -22.49 15.63 21.03
CA GLN A 262 -23.13 15.61 22.32
C GLN A 262 -24.57 15.20 22.21
N ILE A 263 -25.30 15.75 21.22
CA ILE A 263 -26.70 15.52 21.03
C ILE A 263 -26.95 14.08 20.69
N ILE A 264 -26.09 13.49 19.83
CA ILE A 264 -26.22 12.14 19.36
C ILE A 264 -26.05 11.20 20.52
N ARG A 265 -25.15 11.54 21.47
CA ARG A 265 -24.87 10.74 22.63
C ARG A 265 -26.06 10.73 23.54
N SER A 266 -26.94 11.72 23.41
CA SER A 266 -28.09 11.79 24.26
C SER A 266 -28.95 10.58 24.07
N LEU A 267 -28.94 9.95 22.88
CA LEU A 267 -29.75 8.80 22.54
C LEU A 267 -29.41 7.64 23.43
N LEU A 268 -28.12 7.53 23.81
CA LEU A 268 -27.62 6.46 24.61
C LEU A 268 -28.33 6.48 25.94
N ALA A 269 -28.65 7.68 26.45
CA ALA A 269 -29.29 7.86 27.73
C ALA A 269 -30.68 7.27 27.75
N PRO A 270 -31.46 7.44 26.71
CA PRO A 270 -32.73 6.76 26.61
C PRO A 270 -32.57 5.30 26.37
N THR A 271 -31.32 4.81 26.36
CA THR A 271 -31.03 3.42 26.19
C THR A 271 -31.31 2.99 24.78
N LYS A 272 -31.17 3.91 23.81
CA LYS A 272 -31.38 3.53 22.44
C LYS A 272 -30.03 3.22 21.87
N TYR A 273 -29.95 2.16 21.03
CA TYR A 273 -28.74 1.74 20.38
C TYR A 273 -28.31 2.75 19.36
N VAL A 274 -26.99 3.07 19.35
CA VAL A 274 -26.46 4.01 18.38
C VAL A 274 -25.23 3.41 17.76
N ILE A 275 -24.98 3.73 16.47
CA ILE A 275 -23.83 3.31 15.70
C ILE A 275 -23.37 4.57 15.01
N CYS A 276 -22.04 4.76 14.79
CA CYS A 276 -21.59 5.95 14.12
C CYS A 276 -20.29 5.68 13.41
N VAL A 277 -20.06 6.39 12.28
CA VAL A 277 -18.85 6.29 11.51
C VAL A 277 -18.25 7.67 11.49
N GLU A 278 -16.92 7.80 11.76
CA GLU A 278 -16.27 9.08 11.77
C GLU A 278 -14.88 9.00 11.20
N HIS A 279 -14.50 10.11 10.54
CA HIS A 279 -13.18 10.44 10.06
C HIS A 279 -12.44 11.31 11.04
N ASP A 280 -13.17 11.87 12.02
CA ASP A 280 -12.58 12.79 12.98
C ASP A 280 -12.48 12.08 14.29
N LEU A 281 -11.25 12.12 14.87
CA LEU A 281 -10.85 11.51 16.11
C LEU A 281 -11.33 12.27 17.31
N SER A 282 -11.44 13.60 17.23
CA SER A 282 -11.91 14.34 18.38
C SER A 282 -13.34 13.98 18.61
N VAL A 283 -14.14 13.98 17.53
CA VAL A 283 -15.55 13.70 17.56
C VAL A 283 -15.80 12.28 17.92
N LEU A 284 -14.99 11.35 17.38
CA LEU A 284 -15.15 9.94 17.56
C LEU A 284 -14.99 9.59 19.00
N ASP A 285 -14.00 10.20 19.67
CA ASP A 285 -13.71 9.88 21.04
C ASP A 285 -14.87 10.28 21.90
N TYR A 286 -15.46 11.44 21.60
CA TYR A 286 -16.48 12.02 22.42
C TYR A 286 -17.72 11.15 22.41
N LEU A 287 -18.17 10.71 21.21
CA LEU A 287 -19.42 9.99 21.09
C LEU A 287 -19.41 8.60 21.65
N SER A 288 -18.31 7.85 21.39
CA SER A 288 -18.26 6.42 21.56
C SER A 288 -17.98 5.91 22.93
N ASP A 289 -18.57 4.72 23.19
CA ASP A 289 -18.33 3.83 24.29
C ASP A 289 -17.40 2.72 23.86
N PHE A 290 -17.52 2.29 22.57
CA PHE A 290 -16.78 1.19 22.01
C PHE A 290 -16.32 1.63 20.65
N VAL A 291 -15.19 1.08 20.15
CA VAL A 291 -14.71 1.55 18.89
C VAL A 291 -14.22 0.40 18.08
N CYS A 292 -14.52 0.45 16.77
CA CYS A 292 -14.07 -0.55 15.85
C CYS A 292 -13.16 0.16 14.91
N ILE A 293 -12.14 -0.56 14.38
CA ILE A 293 -11.24 0.03 13.45
C ILE A 293 -11.36 -0.77 12.20
N ILE A 294 -11.46 -0.08 11.04
CA ILE A 294 -11.56 -0.79 9.80
C ILE A 294 -10.33 -0.43 9.04
N TYR A 295 -9.69 -1.47 8.45
CA TYR A 295 -8.40 -1.35 7.84
C TYR A 295 -8.36 -2.21 6.61
N GLY A 296 -7.27 -2.10 5.82
CA GLY A 296 -7.16 -2.79 4.58
C GLY A 296 -7.06 -1.77 3.48
N VAL A 297 -6.71 -2.22 2.25
CA VAL A 297 -6.51 -1.33 1.14
C VAL A 297 -7.82 -0.86 0.60
N PRO A 298 -7.82 0.37 0.15
CA PRO A 298 -9.03 0.96 -0.36
C PRO A 298 -9.50 0.32 -1.62
N SER A 299 -10.82 0.02 -1.66
CA SER A 299 -11.55 -0.55 -2.75
C SER A 299 -11.20 -2.00 -2.94
N VAL A 300 -10.13 -2.51 -2.30
CA VAL A 300 -9.87 -3.92 -2.41
C VAL A 300 -10.55 -4.71 -1.33
N TYR A 301 -10.36 -4.31 -0.06
CA TYR A 301 -10.94 -5.03 1.03
C TYR A 301 -10.97 -4.13 2.23
N GLY A 302 -11.64 -4.60 3.30
CA GLY A 302 -11.67 -3.81 4.51
C GLY A 302 -12.26 -4.72 5.54
N VAL A 303 -11.53 -4.94 6.65
CA VAL A 303 -12.03 -5.82 7.66
C VAL A 303 -12.29 -5.05 8.90
N VAL A 304 -13.27 -5.50 9.70
CA VAL A 304 -13.61 -4.85 10.94
C VAL A 304 -12.98 -5.65 12.02
N THR A 305 -12.49 -4.96 13.07
CA THR A 305 -11.81 -5.59 14.15
C THR A 305 -12.83 -5.98 15.19
N LEU A 306 -12.38 -6.65 16.27
CA LEU A 306 -13.21 -7.00 17.38
C LEU A 306 -13.48 -5.70 18.08
N PRO A 307 -14.54 -5.62 18.85
CA PRO A 307 -14.83 -4.37 19.50
C PRO A 307 -13.82 -4.05 20.55
N ALA A 308 -13.55 -2.75 20.78
CA ALA A 308 -12.53 -2.33 21.70
C ALA A 308 -13.04 -1.19 22.52
N SER A 309 -12.29 -0.70 23.38
CA SER A 309 -12.62 0.48 24.00
C SER A 309 -12.32 1.77 23.38
N VAL A 310 -12.85 2.82 24.00
CA VAL A 310 -12.73 4.08 23.32
C VAL A 310 -11.29 4.54 23.28
N ARG A 311 -10.54 4.50 24.41
CA ARG A 311 -9.19 4.96 24.47
C ARG A 311 -8.28 4.06 23.70
N GLU A 312 -8.46 2.73 23.89
CA GLU A 312 -7.57 1.72 23.36
C GLU A 312 -7.65 1.72 21.88
N GLY A 313 -8.88 1.86 21.31
CA GLY A 313 -9.01 1.78 19.88
C GLY A 313 -8.32 2.92 19.21
N ILE A 314 -8.40 4.12 19.82
CA ILE A 314 -7.80 5.29 19.24
C ILE A 314 -6.30 5.17 19.30
N ASN A 315 -5.73 4.60 20.38
CA ASN A 315 -4.29 4.50 20.56
C ASN A 315 -3.67 3.61 19.51
N ILE A 316 -4.33 2.47 19.23
CA ILE A 316 -3.92 1.49 18.26
C ILE A 316 -4.00 2.05 16.88
N PHE A 317 -4.97 2.95 16.65
CA PHE A 317 -5.17 3.51 15.34
C PHE A 317 -3.95 4.27 14.91
N LEU A 318 -3.41 5.11 15.81
CA LEU A 318 -2.33 6.02 15.60
C LEU A 318 -0.99 5.37 15.42
N ASP A 319 -0.79 4.13 15.94
CA ASP A 319 0.47 3.47 15.71
C ASP A 319 0.60 3.01 14.28
N GLY A 320 -0.51 2.71 13.58
CA GLY A 320 -0.42 2.34 12.19
C GLY A 320 -0.22 0.87 12.10
N HIS A 321 -0.39 0.16 13.24
CA HIS A 321 -0.20 -1.27 13.22
C HIS A 321 -1.23 -1.90 14.10
N ILE A 322 -1.67 -3.14 13.74
CA ILE A 322 -2.57 -3.90 14.56
C ILE A 322 -1.89 -5.23 14.76
N PRO A 323 -1.74 -5.63 16.00
CA PRO A 323 -1.06 -6.86 16.33
C PRO A 323 -1.65 -8.19 15.97
N ALA A 324 -2.95 -8.44 16.23
CA ALA A 324 -3.52 -9.74 15.95
C ALA A 324 -3.52 -9.96 14.48
N GLU A 325 -3.97 -8.93 13.74
CA GLU A 325 -4.04 -8.89 12.31
C GLU A 325 -2.63 -8.87 11.80
N ASN A 326 -1.73 -8.23 12.58
CA ASN A 326 -0.34 -8.11 12.25
C ASN A 326 -0.19 -7.48 10.91
N LEU A 327 -0.83 -6.31 10.70
CA LEU A 327 -0.68 -5.65 9.43
C LEU A 327 -0.25 -4.24 9.66
N ARG A 328 0.70 -3.75 8.83
CA ARG A 328 1.00 -2.35 8.88
C ARG A 328 0.05 -1.74 7.91
N PHE A 329 -1.06 -1.20 8.44
CA PHE A 329 -2.09 -0.64 7.62
C PHE A 329 -1.66 0.64 6.97
N ARG A 330 -0.79 1.44 7.64
CA ARG A 330 -0.32 2.67 7.05
C ARG A 330 1.16 2.57 6.90
N THR A 331 1.67 3.02 5.74
CA THR A 331 3.05 2.93 5.39
C THR A 331 3.90 3.78 6.27
N GLU A 332 3.43 5.00 6.62
CA GLU A 332 4.26 5.85 7.42
C GLU A 332 3.45 6.34 8.60
N ALA A 333 4.13 6.53 9.75
CA ALA A 333 3.48 6.97 10.95
C ALA A 333 3.31 8.46 10.88
N LEU A 334 2.27 8.98 11.56
CA LEU A 334 2.02 10.39 11.56
C LEU A 334 2.74 11.01 12.71
N GLN A 335 3.39 12.15 12.45
CA GLN A 335 4.07 12.84 13.49
C GLN A 335 3.90 14.31 13.21
N PHE A 336 3.97 15.14 14.27
CA PHE A 336 3.83 16.54 14.08
C PHE A 336 5.11 17.15 14.54
N ARG A 337 5.52 18.22 13.86
CA ARG A 337 6.74 18.89 14.17
C ARG A 337 6.58 19.50 15.52
N ILE A 338 7.65 19.37 16.33
CA ILE A 338 7.75 19.80 17.70
C ILE A 338 7.72 21.30 17.80
N ALA A 339 8.30 21.98 16.78
CA ALA A 339 8.60 23.38 16.72
C ALA A 339 10.02 23.58 17.13
N ASP A 340 10.64 22.55 17.73
CA ASP A 340 12.06 22.51 17.94
C ASP A 340 12.68 22.13 16.62
N ALA A 341 11.94 21.26 15.88
CA ALA A 341 12.29 20.62 14.64
C ALA A 341 12.45 21.61 13.52
N THR A 342 11.68 22.71 13.53
CA THR A 342 11.69 23.66 12.45
C THR A 342 13.03 24.28 12.30
N GLU A 343 13.25 24.87 11.10
CA GLU A 343 14.49 25.53 10.77
C GLU A 343 14.52 26.86 11.45
N ASP A 344 15.75 27.34 11.77
CA ASP A 344 15.92 28.62 12.40
C ASP A 344 16.36 29.55 11.33
N LEU A 345 15.58 30.62 11.08
CA LEU A 345 15.94 31.53 10.04
C LEU A 345 15.59 32.91 10.48
N GLN A 346 16.20 33.91 9.82
CA GLN A 346 15.82 35.27 10.08
C GLN A 346 14.82 35.55 9.02
N ASN A 347 13.63 36.05 9.42
CA ASN A 347 12.59 36.19 8.44
C ASN A 347 12.50 37.62 8.05
N ASP A 348 11.94 37.86 6.85
CA ASP A 348 11.73 39.20 6.45
C ASP A 348 10.87 39.75 7.52
N SER A 349 11.42 40.79 8.19
CA SER A 349 10.87 41.53 9.29
C SER A 349 10.82 42.92 8.78
N ALA A 350 10.49 43.91 9.63
CA ALA A 350 10.39 45.23 9.08
C ALA A 350 9.23 45.09 8.18
N SER A 351 9.26 45.68 6.98
CA SER A 351 8.17 45.35 6.12
C SER A 351 8.47 43.95 5.67
N ARG A 352 8.03 42.96 6.47
CA ARG A 352 8.27 41.59 6.20
C ARG A 352 7.60 41.33 4.90
N ALA A 353 6.29 41.60 4.90
CA ALA A 353 5.43 41.36 3.80
C ALA A 353 4.42 42.45 3.84
N PHE A 354 3.25 42.24 3.22
CA PHE A 354 2.28 43.28 3.16
C PHE A 354 1.44 43.29 4.41
N SER A 355 0.70 44.39 4.63
CA SER A 355 -0.12 44.49 5.80
C SER A 355 -1.48 44.97 5.38
N TYR A 356 -2.52 44.55 6.14
CA TYR A 356 -3.87 44.94 5.85
C TYR A 356 -4.37 45.74 7.02
N PRO A 357 -5.17 46.73 6.72
CA PRO A 357 -5.77 47.61 7.69
C PRO A 357 -7.05 47.03 8.17
N SER A 358 -7.79 47.77 9.02
CA SER A 358 -9.09 47.29 9.45
C SER A 358 -9.91 47.16 8.21
N LEU A 359 -10.74 46.10 8.18
CA LEU A 359 -11.56 45.81 7.04
C LEU A 359 -12.91 45.49 7.57
N LYS A 360 -13.94 45.74 6.73
CA LYS A 360 -15.28 45.37 7.08
C LYS A 360 -15.88 44.93 5.80
N LYS A 361 -16.78 43.94 5.88
CA LYS A 361 -17.54 43.55 4.74
C LYS A 361 -18.89 43.30 5.32
N THR A 362 -19.93 43.99 4.82
CA THR A 362 -21.24 43.80 5.36
C THR A 362 -22.16 43.45 4.23
N GLN A 363 -22.86 42.31 4.38
CA GLN A 363 -23.85 41.82 3.46
C GLN A 363 -25.13 42.58 3.66
N GLY A 364 -25.41 43.01 4.91
CA GLY A 364 -26.67 43.64 5.22
C GLY A 364 -27.45 42.62 6.00
N ASP A 365 -26.89 41.40 6.12
CA ASP A 365 -27.51 40.36 6.89
C ASP A 365 -26.47 39.86 7.84
N PHE A 366 -25.19 39.94 7.41
CA PHE A 366 -24.10 39.49 8.23
C PHE A 366 -23.05 40.56 8.16
N VAL A 367 -22.28 40.76 9.25
CA VAL A 367 -21.27 41.78 9.20
C VAL A 367 -19.98 41.18 9.66
N LEU A 368 -18.89 41.47 8.93
CA LEU A 368 -17.62 40.95 9.31
C LEU A 368 -16.78 42.11 9.73
N ASN A 369 -15.97 41.91 10.79
CA ASN A 369 -15.10 42.94 11.27
C ASN A 369 -13.75 42.29 11.28
N VAL A 370 -12.69 43.06 10.93
CA VAL A 370 -11.36 42.55 10.89
C VAL A 370 -10.48 43.54 11.59
N GLU A 371 -9.50 43.05 12.38
CA GLU A 371 -8.60 43.92 13.06
C GLU A 371 -7.33 43.97 12.28
N GLU A 372 -6.67 45.14 12.24
CA GLU A 372 -5.47 45.28 11.46
C GLU A 372 -4.47 44.28 11.94
N GLY A 373 -3.86 43.55 10.98
CA GLY A 373 -2.88 42.55 11.29
C GLY A 373 -1.75 42.71 10.31
N GLU A 374 -0.66 41.91 10.50
CA GLU A 374 0.48 42.03 9.64
C GLU A 374 0.81 40.66 9.11
N PHE A 375 1.32 40.59 7.86
CA PHE A 375 1.79 39.31 7.42
C PHE A 375 3.22 39.49 7.02
N SER A 376 4.03 38.42 7.22
CA SER A 376 5.44 38.46 6.96
C SER A 376 5.72 37.45 5.91
N ASP A 377 6.98 37.43 5.45
CA ASP A 377 7.32 36.54 4.36
C ASP A 377 7.76 35.22 4.91
N SER A 378 7.48 34.16 4.14
CA SER A 378 7.85 32.79 4.38
C SER A 378 7.14 32.21 5.57
N GLU A 379 6.07 32.84 6.08
CA GLU A 379 5.41 32.26 7.23
C GLU A 379 4.08 31.71 6.79
N ILE A 380 3.39 30.96 7.69
CA ILE A 380 2.04 30.62 7.33
C ILE A 380 1.14 30.84 8.51
N LEU A 381 -0.12 31.20 8.21
CA LEU A 381 -1.09 31.56 9.20
C LEU A 381 -2.28 30.65 9.06
N VAL A 382 -2.76 30.11 10.20
CA VAL A 382 -3.95 29.28 10.19
C VAL A 382 -5.11 30.18 10.49
N MET A 383 -6.28 29.84 9.95
CA MET A 383 -7.49 30.55 10.23
C MET A 383 -8.41 29.52 10.81
N MET A 384 -9.02 29.84 11.97
CA MET A 384 -9.88 28.90 12.63
C MET A 384 -11.12 29.63 13.01
N GLY A 385 -12.12 28.88 13.50
CA GLY A 385 -13.36 29.47 13.93
C GLY A 385 -14.48 28.70 13.29
N GLU A 386 -15.74 29.05 13.64
CA GLU A 386 -16.91 28.39 13.11
C GLU A 386 -17.25 29.01 11.79
N ASN A 387 -17.98 28.24 10.94
CA ASN A 387 -18.40 28.72 9.65
C ASN A 387 -19.44 29.77 9.88
N GLY A 388 -19.64 30.68 8.90
CA GLY A 388 -20.66 31.69 9.00
C GLY A 388 -20.10 32.88 9.72
N THR A 389 -18.84 32.76 10.18
CA THR A 389 -18.03 33.73 10.85
C THR A 389 -17.36 34.64 9.84
N GLY A 390 -17.35 34.29 8.54
CA GLY A 390 -16.70 35.19 7.64
C GLY A 390 -15.25 34.81 7.53
N LYS A 391 -14.94 33.52 7.73
CA LYS A 391 -13.62 33.00 7.50
C LYS A 391 -13.38 33.01 6.01
N THR A 392 -14.42 32.60 5.24
CA THR A 392 -14.42 32.52 3.80
C THR A 392 -14.40 33.91 3.22
N THR A 393 -15.16 34.85 3.81
CA THR A 393 -15.28 36.19 3.31
C THR A 393 -13.95 36.86 3.34
N LEU A 394 -13.20 36.67 4.44
CA LEU A 394 -11.94 37.36 4.65
C LEU A 394 -10.97 36.99 3.59
N ILE A 395 -10.86 35.69 3.27
CA ILE A 395 -9.90 35.19 2.32
C ILE A 395 -10.17 35.77 0.97
N LYS A 396 -11.45 35.87 0.58
CA LYS A 396 -11.83 36.40 -0.70
C LYS A 396 -11.41 37.83 -0.82
N LEU A 397 -11.53 38.62 0.25
CA LEU A 397 -11.20 40.02 0.18
C LEU A 397 -9.75 40.15 -0.19
N LEU A 398 -8.89 39.32 0.44
CA LEU A 398 -7.47 39.31 0.21
C LEU A 398 -7.15 38.84 -1.18
N ALA A 399 -8.00 37.97 -1.74
CA ALA A 399 -7.92 37.46 -3.09
C ALA A 399 -8.24 38.58 -4.04
N GLY A 400 -9.11 39.53 -3.62
CA GLY A 400 -9.45 40.63 -4.47
C GLY A 400 -10.72 40.30 -5.18
N ALA A 401 -11.27 39.11 -4.88
CA ALA A 401 -12.52 38.68 -5.43
C ALA A 401 -13.62 39.52 -4.85
N LEU A 402 -13.52 39.84 -3.56
CA LEU A 402 -14.56 40.60 -2.92
C LEU A 402 -14.06 41.97 -2.63
N LYS A 403 -14.98 42.97 -2.68
CA LYS A 403 -14.61 44.32 -2.40
C LYS A 403 -15.09 44.60 -1.02
N PRO A 404 -14.24 45.20 -0.23
CA PRO A 404 -14.62 45.50 1.12
C PRO A 404 -15.61 46.60 1.17
N ASP A 405 -16.57 46.55 2.11
CA ASP A 405 -17.50 47.62 2.29
C ASP A 405 -16.70 48.77 2.80
N GLU A 406 -15.79 48.48 3.75
CA GLU A 406 -14.93 49.47 4.32
C GLU A 406 -13.56 48.86 4.30
N GLY A 407 -12.53 49.73 4.32
CA GLY A 407 -11.17 49.24 4.32
C GLY A 407 -10.77 49.02 2.89
N GLN A 408 -9.46 48.80 2.66
CA GLN A 408 -9.01 48.57 1.33
C GLN A 408 -7.80 47.69 1.42
N ASP A 409 -7.59 46.84 0.41
CA ASP A 409 -6.43 46.00 0.38
C ASP A 409 -5.97 45.99 -1.03
N ILE A 410 -5.16 46.98 -1.42
CA ILE A 410 -4.64 46.92 -2.76
C ILE A 410 -3.20 46.52 -2.67
N PRO A 411 -2.93 45.25 -2.82
CA PRO A 411 -1.55 44.87 -2.83
C PRO A 411 -1.02 44.73 -4.22
N LYS A 412 0.31 44.83 -4.36
CA LYS A 412 0.90 44.57 -5.64
C LYS A 412 1.53 43.23 -5.49
N LEU A 413 0.68 42.19 -5.27
CA LEU A 413 1.18 40.86 -5.10
C LEU A 413 0.38 39.99 -6.00
N ASN A 414 0.99 38.85 -6.40
CA ASN A 414 0.32 37.90 -7.25
C ASN A 414 -0.28 36.89 -6.32
N VAL A 415 -1.59 36.58 -6.52
CA VAL A 415 -2.20 35.67 -5.60
C VAL A 415 -2.71 34.47 -6.32
N SER A 416 -2.59 33.30 -5.67
CA SER A 416 -3.14 32.06 -6.15
C SER A 416 -4.18 31.75 -5.13
N MET A 417 -5.33 31.18 -5.53
CA MET A 417 -6.36 30.97 -4.57
C MET A 417 -7.01 29.64 -4.81
N LYS A 418 -7.40 28.96 -3.71
CA LYS A 418 -8.08 27.70 -3.75
C LYS A 418 -9.38 27.91 -3.02
N PRO A 419 -10.49 27.62 -3.64
CA PRO A 419 -11.81 27.84 -3.07
C PRO A 419 -12.23 26.80 -2.08
N GLN A 420 -13.23 27.12 -1.22
CA GLN A 420 -13.68 26.21 -0.18
C GLN A 420 -14.40 25.01 -0.71
N LYS A 421 -15.60 25.22 -1.31
CA LYS A 421 -16.37 24.10 -1.76
C LYS A 421 -16.04 23.94 -3.20
N ILE A 422 -15.70 22.71 -3.61
CA ILE A 422 -15.32 22.56 -4.98
C ILE A 422 -16.41 21.85 -5.72
N ALA A 423 -16.93 22.53 -6.75
CA ALA A 423 -17.90 22.02 -7.68
C ALA A 423 -17.23 22.22 -9.00
N PRO A 424 -17.37 21.25 -9.85
CA PRO A 424 -16.64 21.23 -11.10
C PRO A 424 -16.58 22.49 -11.89
N LYS A 425 -17.71 22.92 -12.50
CA LYS A 425 -17.86 24.04 -13.38
C LYS A 425 -16.65 24.30 -14.22
N PHE A 426 -16.20 23.30 -15.02
CA PHE A 426 -15.13 23.51 -15.95
C PHE A 426 -15.28 22.48 -17.03
N PRO A 427 -15.34 22.90 -18.25
CA PRO A 427 -15.38 21.93 -19.31
C PRO A 427 -13.98 21.48 -19.54
N GLY A 428 -13.78 20.20 -19.90
CA GLY A 428 -12.45 19.71 -20.15
C GLY A 428 -12.20 18.54 -19.25
N THR A 429 -11.05 17.86 -19.46
CA THR A 429 -10.66 16.72 -18.67
C THR A 429 -9.70 17.19 -17.62
N VAL A 430 -9.38 16.28 -16.66
CA VAL A 430 -8.55 16.58 -15.52
C VAL A 430 -7.14 16.95 -15.90
N ARG A 431 -6.50 16.20 -16.81
CA ARG A 431 -5.14 16.44 -17.17
C ARG A 431 -5.01 17.76 -17.86
N GLN A 432 -5.96 18.09 -18.74
CA GLN A 432 -5.88 19.29 -19.51
C GLN A 432 -5.92 20.46 -18.57
N LEU A 433 -6.79 20.37 -17.54
CA LEU A 433 -6.97 21.44 -16.61
C LEU A 433 -5.72 21.69 -15.83
N PHE A 434 -5.00 20.62 -15.40
CA PHE A 434 -3.78 20.71 -14.63
C PHE A 434 -2.68 21.36 -15.41
N PHE A 435 -2.57 20.98 -16.70
CA PHE A 435 -1.56 21.38 -17.62
C PHE A 435 -1.62 22.83 -17.96
N LYS A 436 -2.83 23.41 -18.04
CA LYS A 436 -2.92 24.81 -18.36
C LYS A 436 -2.30 25.58 -17.24
N LYS A 437 -2.53 25.11 -15.99
CA LYS A 437 -2.07 25.76 -14.80
C LYS A 437 -0.58 25.79 -14.77
N ILE A 438 0.10 24.61 -14.89
CA ILE A 438 1.54 24.49 -14.92
C ILE A 438 1.88 23.07 -15.24
N ARG A 439 2.69 22.86 -16.30
CA ARG A 439 3.17 21.58 -16.73
C ARG A 439 4.35 21.09 -15.92
N GLY A 440 5.22 22.01 -15.46
CA GLY A 440 6.49 21.73 -14.81
C GLY A 440 6.36 21.06 -13.49
N GLN A 441 5.36 21.46 -12.69
CA GLN A 441 5.09 21.00 -11.36
C GLN A 441 4.63 19.58 -11.38
N PHE A 442 4.08 19.14 -12.52
CA PHE A 442 3.61 17.79 -12.74
C PHE A 442 4.79 16.88 -12.84
N LEU A 443 5.94 17.40 -13.30
CA LEU A 443 7.17 16.66 -13.43
C LEU A 443 7.83 16.37 -12.10
N ASN A 444 7.69 17.27 -11.11
CA ASN A 444 8.47 17.13 -9.90
C ASN A 444 8.10 15.89 -9.12
N PRO A 445 9.12 15.35 -8.50
CA PRO A 445 9.05 14.16 -7.72
C PRO A 445 8.09 14.28 -6.56
N GLN A 446 7.99 15.46 -5.94
CA GLN A 446 7.13 15.64 -4.81
C GLN A 446 5.71 15.45 -5.22
N PHE A 447 5.34 15.95 -6.41
CA PHE A 447 4.00 15.84 -6.89
C PHE A 447 3.67 14.42 -7.25
N GLN A 448 4.67 13.59 -7.57
CA GLN A 448 4.45 12.20 -7.85
C GLN A 448 4.09 11.50 -6.57
N THR A 449 4.76 11.85 -5.46
CA THR A 449 4.54 11.18 -4.22
C THR A 449 3.16 11.44 -3.69
N ASP A 450 2.77 12.72 -3.63
CA ASP A 450 1.51 13.15 -3.08
C ASP A 450 0.28 13.00 -3.94
N VAL A 451 0.32 13.44 -5.22
CA VAL A 451 -0.86 13.29 -6.04
C VAL A 451 -0.96 12.08 -6.94
N VAL A 452 -0.02 11.98 -7.89
CA VAL A 452 -0.14 11.09 -9.01
C VAL A 452 -0.18 9.65 -8.61
N LYS A 453 0.79 9.21 -7.80
CA LYS A 453 0.93 7.83 -7.45
C LYS A 453 -0.19 7.33 -6.59
N PRO A 454 -0.56 8.01 -5.53
CA PRO A 454 -1.55 7.46 -4.63
C PRO A 454 -2.91 7.19 -5.23
N LEU A 455 -3.52 8.20 -5.87
CA LEU A 455 -4.83 8.12 -6.45
C LEU A 455 -4.82 7.36 -7.73
N ARG A 456 -3.76 7.57 -8.55
CA ARG A 456 -3.71 7.16 -9.92
C ARG A 456 -4.63 8.02 -10.76
N ILE A 457 -4.15 9.27 -11.00
CA ILE A 457 -4.68 10.33 -11.82
C ILE A 457 -4.57 9.94 -13.25
N ASP A 458 -3.61 9.05 -13.59
CA ASP A 458 -3.39 8.64 -14.94
C ASP A 458 -4.67 8.11 -15.49
N ASP A 459 -5.41 7.34 -14.67
CA ASP A 459 -6.68 6.76 -15.04
C ASP A 459 -7.73 7.83 -15.14
N ILE A 460 -7.63 8.85 -14.27
CA ILE A 460 -8.43 10.02 -14.06
C ILE A 460 -8.28 11.00 -15.19
N ILE A 461 -7.13 10.97 -15.89
CA ILE A 461 -6.78 11.97 -16.86
C ILE A 461 -7.84 12.11 -17.91
N ASP A 462 -8.36 10.98 -18.44
CA ASP A 462 -9.38 11.00 -19.45
C ASP A 462 -10.74 11.34 -18.90
N GLN A 463 -11.01 11.01 -17.62
CA GLN A 463 -12.31 11.20 -17.06
C GLN A 463 -12.65 12.65 -16.93
N GLU A 464 -13.97 12.93 -16.97
CA GLU A 464 -14.49 14.26 -16.86
C GLU A 464 -14.59 14.60 -15.41
N VAL A 465 -14.60 15.92 -15.12
CA VAL A 465 -14.70 16.47 -13.80
C VAL A 465 -16.08 16.26 -13.25
N GLN A 466 -17.10 16.28 -14.13
CA GLN A 466 -18.46 16.07 -13.71
C GLN A 466 -18.58 14.66 -13.21
N HIS A 467 -17.88 13.75 -13.90
CA HIS A 467 -17.84 12.33 -13.71
C HIS A 467 -17.00 11.93 -12.52
N LEU A 468 -16.20 12.85 -11.97
CA LEU A 468 -15.21 12.57 -10.97
C LEU A 468 -15.82 12.33 -9.61
N SER A 469 -14.97 12.25 -8.56
CA SER A 469 -15.36 11.98 -7.20
C SER A 469 -14.99 13.19 -6.35
N GLY A 470 -15.44 13.20 -5.07
CA GLY A 470 -15.23 14.31 -4.17
C GLY A 470 -13.83 14.48 -3.62
N GLY A 471 -13.28 13.45 -2.93
CA GLY A 471 -12.00 13.51 -2.29
C GLY A 471 -10.91 13.55 -3.31
N GLU A 472 -11.12 12.85 -4.44
CA GLU A 472 -10.10 12.82 -5.43
C GLU A 472 -9.92 14.19 -5.98
N LEU A 473 -11.03 14.91 -6.19
CA LEU A 473 -11.03 16.23 -6.74
C LEU A 473 -10.36 17.19 -5.79
N GLN A 474 -10.49 16.97 -4.46
CA GLN A 474 -9.93 17.87 -3.47
C GLN A 474 -8.42 17.96 -3.53
N ARG A 475 -7.71 16.82 -3.62
CA ARG A 475 -6.27 16.81 -3.60
C ARG A 475 -5.74 17.47 -4.83
N VAL A 476 -6.47 17.31 -5.94
CA VAL A 476 -6.18 17.89 -7.22
C VAL A 476 -6.25 19.39 -7.17
N ALA A 477 -7.25 19.95 -6.47
CA ALA A 477 -7.44 21.37 -6.37
C ALA A 477 -6.35 22.01 -5.56
N ILE A 478 -5.96 21.35 -4.45
CA ILE A 478 -4.98 21.88 -3.55
C ILE A 478 -3.67 21.97 -4.29
N VAL A 479 -3.32 20.90 -5.04
CA VAL A 479 -2.08 20.86 -5.76
C VAL A 479 -2.03 21.92 -6.82
N LEU A 480 -3.17 22.20 -7.49
CA LEU A 480 -3.26 23.15 -8.57
C LEU A 480 -2.97 24.56 -8.11
N ALA A 481 -3.33 24.90 -6.86
CA ALA A 481 -3.10 26.22 -6.32
C ALA A 481 -1.62 26.47 -6.22
N LEU A 482 -0.88 25.40 -5.89
CA LEU A 482 0.54 25.30 -5.75
C LEU A 482 1.19 25.22 -7.10
N GLY A 483 0.39 24.94 -8.14
CA GLY A 483 0.89 24.77 -9.48
C GLY A 483 1.58 26.03 -9.97
N ILE A 484 1.03 27.22 -9.65
CA ILE A 484 1.56 28.44 -10.20
C ILE A 484 2.28 29.20 -9.14
N PRO A 485 3.27 29.95 -9.57
CA PRO A 485 4.03 30.78 -8.67
C PRO A 485 3.26 31.97 -8.20
N ALA A 486 3.40 32.35 -6.93
CA ALA A 486 2.70 33.47 -6.37
C ALA A 486 3.46 33.85 -5.14
N ASP A 487 3.39 35.15 -4.76
CA ASP A 487 4.04 35.62 -3.59
C ASP A 487 3.32 35.07 -2.39
N ILE A 488 1.98 35.05 -2.46
CA ILE A 488 1.19 34.56 -1.39
C ILE A 488 0.22 33.58 -1.98
N TYR A 489 -0.09 32.53 -1.21
CA TYR A 489 -1.00 31.52 -1.66
C TYR A 489 -2.11 31.54 -0.66
N LEU A 490 -3.35 31.24 -1.08
CA LEU A 490 -4.46 31.24 -0.17
C LEU A 490 -5.20 29.97 -0.36
N ILE A 491 -5.42 29.22 0.75
CA ILE A 491 -6.18 28.01 0.63
C ILE A 491 -7.27 28.06 1.65
N ASP A 492 -8.46 27.52 1.28
CA ASP A 492 -9.60 27.54 2.12
C ASP A 492 -10.06 26.13 2.30
N GLU A 493 -10.03 25.66 3.57
CA GLU A 493 -10.48 24.39 4.07
C GLU A 493 -10.11 23.22 3.20
N PRO A 494 -8.85 22.83 3.25
CA PRO A 494 -8.36 21.69 2.50
C PRO A 494 -8.77 20.32 2.98
N SER A 495 -9.27 20.20 4.22
CA SER A 495 -9.56 18.92 4.81
C SER A 495 -10.84 18.31 4.33
N ALA A 496 -11.69 19.07 3.62
CA ALA A 496 -12.98 18.54 3.24
C ALA A 496 -12.85 17.34 2.37
N TYR A 497 -13.75 16.36 2.59
CA TYR A 497 -13.92 15.15 1.82
C TYR A 497 -12.72 14.25 1.94
N LEU A 498 -11.77 14.49 2.88
CA LEU A 498 -10.58 13.69 2.86
C LEU A 498 -10.50 12.86 4.11
N ASP A 499 -9.90 11.64 3.99
CA ASP A 499 -9.69 10.74 5.10
C ASP A 499 -8.37 11.06 5.72
N SER A 500 -7.91 10.22 6.68
CA SER A 500 -6.73 10.48 7.46
C SER A 500 -5.50 10.61 6.63
N GLU A 501 -5.22 9.63 5.74
CA GLU A 501 -3.99 9.66 5.00
C GLU A 501 -3.98 10.83 4.08
N GLN A 502 -5.13 11.11 3.47
CA GLN A 502 -5.26 12.13 2.47
C GLN A 502 -4.99 13.51 3.03
N ARG A 503 -5.50 13.83 4.24
CA ARG A 503 -5.30 15.15 4.78
C ARG A 503 -3.84 15.40 5.03
N ILE A 504 -3.18 14.40 5.64
CA ILE A 504 -1.82 14.37 6.12
C ILE A 504 -0.86 14.48 4.99
N ILE A 505 -1.25 14.04 3.77
CA ILE A 505 -0.40 14.25 2.64
C ILE A 505 -0.37 15.73 2.38
N CYS A 506 -1.55 16.40 2.55
CA CYS A 506 -1.71 17.81 2.34
C CYS A 506 -0.92 18.58 3.35
N SER A 507 -0.88 18.13 4.62
CA SER A 507 -0.19 18.87 5.65
C SER A 507 1.25 19.00 5.26
N LYS A 508 1.86 17.91 4.80
CA LYS A 508 3.25 17.92 4.44
C LYS A 508 3.45 18.80 3.25
N VAL A 509 2.46 18.85 2.32
CA VAL A 509 2.68 19.58 1.10
C VAL A 509 2.81 21.07 1.32
N ILE A 510 1.89 21.69 2.08
CA ILE A 510 1.89 23.11 2.30
C ILE A 510 3.11 23.53 3.06
N ARG A 511 3.48 22.76 4.10
CA ARG A 511 4.59 23.16 4.92
C ARG A 511 5.88 23.15 4.15
N ARG A 512 6.13 22.07 3.38
CA ARG A 512 7.39 21.88 2.70
C ARG A 512 7.64 22.89 1.63
N PHE A 513 6.64 23.18 0.77
CA PHE A 513 6.85 24.08 -0.33
C PHE A 513 7.07 25.48 0.15
N ILE A 514 6.27 25.93 1.13
CA ILE A 514 6.31 27.26 1.63
C ILE A 514 7.67 27.53 2.19
N LEU A 515 8.25 26.53 2.88
CA LEU A 515 9.56 26.66 3.44
C LEU A 515 10.60 26.73 2.36
N HIS A 516 10.54 25.84 1.35
CA HIS A 516 11.57 25.81 0.35
C HIS A 516 11.58 27.05 -0.48
N ASN A 517 10.39 27.43 -0.96
CA ASN A 517 10.10 28.52 -1.84
C ASN A 517 10.27 29.86 -1.16
N LYS A 518 10.07 29.91 0.18
CA LYS A 518 10.15 31.12 0.94
C LYS A 518 9.00 32.06 0.63
N LYS A 519 7.77 31.50 0.53
CA LYS A 519 6.59 32.27 0.27
C LYS A 519 5.64 32.07 1.40
N THR A 520 4.54 32.85 1.43
CA THR A 520 3.62 32.89 2.52
C THR A 520 2.39 32.14 2.16
N ALA A 521 1.66 31.64 3.18
CA ALA A 521 0.45 30.94 2.88
C ALA A 521 -0.50 31.15 4.01
N PHE A 522 -1.80 31.25 3.67
CA PHE A 522 -2.85 31.34 4.64
C PHE A 522 -3.67 30.13 4.39
N ILE A 523 -4.00 29.39 5.47
CA ILE A 523 -4.80 28.21 5.31
C ILE A 523 -5.92 28.24 6.31
N VAL A 524 -7.18 28.04 5.85
CA VAL A 524 -8.26 27.94 6.80
C VAL A 524 -8.50 26.48 7.08
N GLU A 525 -8.91 26.13 8.32
CA GLU A 525 -9.10 24.75 8.67
C GLU A 525 -10.01 24.59 9.86
N HIS A 526 -10.63 23.40 9.96
CA HIS A 526 -11.36 22.89 11.10
C HIS A 526 -10.62 21.82 11.85
N ASP A 527 -9.65 21.16 11.19
CA ASP A 527 -8.92 20.05 11.74
C ASP A 527 -7.76 20.61 12.52
N PHE A 528 -7.74 20.32 13.83
CA PHE A 528 -6.80 20.86 14.75
C PHE A 528 -5.41 20.41 14.40
N ILE A 529 -5.26 19.15 14.01
CA ILE A 529 -4.00 18.52 13.69
C ILE A 529 -3.33 19.19 12.52
N MET A 530 -4.10 19.53 11.47
CA MET A 530 -3.54 20.12 10.27
C MET A 530 -2.98 21.47 10.56
N ALA A 531 -3.69 22.26 11.39
CA ALA A 531 -3.30 23.61 11.69
C ALA A 531 -1.97 23.61 12.37
N THR A 532 -1.74 22.67 13.31
CA THR A 532 -0.55 22.65 14.12
C THR A 532 0.67 22.46 13.27
N TYR A 533 0.61 21.55 12.29
CA TYR A 533 1.75 21.15 11.49
C TYR A 533 2.25 22.27 10.62
N LEU A 534 1.35 22.93 9.87
CA LEU A 534 1.65 23.92 8.88
C LEU A 534 2.06 25.28 9.37
N ALA A 535 1.36 25.78 10.41
CA ALA A 535 1.41 27.17 10.82
C ALA A 535 2.46 27.54 11.79
N ASP A 536 2.62 28.89 11.93
CA ASP A 536 3.53 29.56 12.81
C ASP A 536 2.74 30.57 13.60
N LYS A 537 1.63 31.08 13.01
CA LYS A 537 0.77 32.01 13.67
C LYS A 537 -0.63 31.58 13.37
N VAL A 538 -1.61 32.21 14.04
CA VAL A 538 -2.97 31.83 13.83
C VAL A 538 -3.82 33.05 13.99
N ILE A 539 -5.00 33.04 13.35
CA ILE A 539 -5.99 34.05 13.53
C ILE A 539 -7.17 33.28 14.00
N VAL A 540 -7.82 33.76 15.08
CA VAL A 540 -8.99 33.10 15.59
C VAL A 540 -10.12 34.02 15.32
N PHE A 541 -11.29 33.45 14.97
CA PHE A 541 -12.48 34.21 14.69
C PHE A 541 -13.45 33.89 15.78
N GLU A 542 -14.31 34.87 16.14
CA GLU A 542 -15.26 34.68 17.19
C GLU A 542 -16.48 35.48 16.84
N GLY A 543 -17.51 35.42 17.71
CA GLY A 543 -18.74 36.13 17.45
C GLY A 543 -19.81 35.10 17.39
N ILE A 544 -20.94 35.43 16.73
CA ILE A 544 -21.99 34.47 16.62
C ILE A 544 -22.24 34.20 15.17
N PRO A 545 -22.27 32.94 14.82
CA PRO A 545 -22.47 32.51 13.47
C PRO A 545 -23.75 33.05 12.89
N SER A 546 -23.72 33.36 11.58
CA SER A 546 -24.85 33.84 10.82
C SER A 546 -25.33 35.15 11.35
N LYS A 547 -24.46 35.88 12.06
CA LYS A 547 -24.91 37.11 12.63
C LYS A 547 -23.82 38.12 12.40
N ASN A 548 -22.78 38.08 13.26
CA ASN A 548 -21.66 38.96 13.12
C ASN A 548 -20.42 38.16 13.35
N ALA A 549 -19.24 38.75 13.11
CA ALA A 549 -18.04 38.01 13.34
C ALA A 549 -16.92 38.97 13.52
N HIS A 550 -15.74 38.45 13.92
CA HIS A 550 -14.60 39.28 14.17
C HIS A 550 -13.37 38.47 13.86
N ALA A 551 -12.25 39.16 13.54
CA ALA A 551 -11.01 38.50 13.25
C ALA A 551 -9.96 39.16 14.09
N ARG A 552 -8.81 38.48 14.26
CA ARG A 552 -7.77 38.99 15.10
C ARG A 552 -6.50 39.03 14.29
N ALA A 553 -5.46 39.72 14.83
CA ALA A 553 -4.19 39.79 14.18
C ALA A 553 -3.52 38.45 14.35
N PRO A 554 -2.48 38.15 13.61
CA PRO A 554 -1.82 36.88 13.78
C PRO A 554 -1.05 36.85 15.06
N GLU A 555 -1.05 35.70 15.76
CA GLU A 555 -0.40 35.55 17.02
C GLU A 555 0.22 34.17 17.06
N SER A 556 1.21 33.95 17.96
CA SER A 556 1.99 32.74 18.03
C SER A 556 1.11 31.54 18.24
N LEU A 557 1.69 30.35 17.99
CA LEU A 557 0.97 29.09 18.02
C LEU A 557 0.43 28.85 19.39
N LEU A 558 1.26 29.06 20.43
CA LEU A 558 0.83 28.79 21.78
C LEU A 558 -0.26 29.74 22.14
N THR A 559 -0.08 31.03 21.79
CA THR A 559 -1.00 32.06 22.19
C THR A 559 -2.36 31.87 21.56
N GLY A 560 -2.38 31.59 20.24
CA GLY A 560 -3.58 31.47 19.45
C GLY A 560 -4.40 30.26 19.81
N CYS A 561 -3.73 29.15 20.15
CA CYS A 561 -4.36 27.90 20.48
C CYS A 561 -5.04 27.99 21.81
N ASN A 562 -4.50 28.81 22.73
CA ASN A 562 -5.10 28.96 24.03
C ASN A 562 -6.40 29.68 23.87
N ARG A 563 -6.41 30.72 23.00
CA ARG A 563 -7.60 31.51 22.80
C ARG A 563 -8.69 30.66 22.23
N PHE A 564 -8.36 29.88 21.18
CA PHE A 564 -9.33 29.11 20.45
C PHE A 564 -9.98 28.07 21.30
N LEU A 565 -9.17 27.30 22.05
CA LEU A 565 -9.56 26.21 22.88
C LEU A 565 -10.27 26.67 24.12
N LYS A 566 -10.03 27.92 24.54
CA LYS A 566 -10.67 28.52 25.67
C LYS A 566 -12.12 28.74 25.35
N ASN A 567 -12.42 28.97 24.05
CA ASN A 567 -13.74 29.21 23.55
C ASN A 567 -14.58 27.97 23.61
N LEU A 568 -13.98 26.79 23.36
CA LEU A 568 -14.60 25.48 23.40
C LEU A 568 -14.71 24.94 24.81
N ASN A 569 -13.69 25.20 25.66
CA ASN A 569 -13.61 24.72 27.01
C ASN A 569 -13.34 23.23 27.07
N VAL A 570 -12.63 22.66 26.05
CA VAL A 570 -12.20 21.29 26.19
C VAL A 570 -10.71 21.31 26.05
N THR A 571 -10.00 20.68 27.02
CA THR A 571 -8.56 20.64 27.01
C THR A 571 -8.14 19.31 26.49
N PHE A 572 -6.87 19.19 26.05
CA PHE A 572 -6.31 17.97 25.56
C PHE A 572 -5.03 17.79 26.28
N ARG A 573 -4.77 16.54 26.72
CA ARG A 573 -3.61 16.12 27.43
C ARG A 573 -2.76 15.52 26.37
N ARG A 574 -1.98 14.50 26.74
CA ARG A 574 -1.18 13.77 25.85
C ARG A 574 -1.30 12.38 26.30
N ASP A 575 -1.24 11.44 25.34
CA ASP A 575 -1.17 10.05 25.65
C ASP A 575 0.29 9.76 25.63
N PRO A 576 0.87 9.16 26.67
CA PRO A 576 2.29 8.99 26.68
C PRO A 576 2.76 8.05 25.59
N ASN A 577 2.07 6.94 25.20
CA ASN A 577 2.61 6.07 24.20
C ASN A 577 2.46 6.59 22.79
N SER A 578 1.23 6.99 22.40
CA SER A 578 0.93 7.40 21.04
C SER A 578 1.30 8.84 20.77
N PHE A 579 1.41 9.67 21.82
CA PHE A 579 1.72 11.06 21.67
C PHE A 579 0.59 11.80 21.00
N ARG A 580 -0.64 11.27 21.05
CA ARG A 580 -1.77 11.95 20.48
C ARG A 580 -2.34 12.84 21.53
N PRO A 581 -3.15 13.80 21.13
CA PRO A 581 -3.88 14.55 22.09
C PRO A 581 -4.94 13.67 22.65
N ARG A 582 -5.06 13.68 23.99
CA ARG A 582 -5.96 12.79 24.65
C ARG A 582 -6.99 13.75 25.07
N ILE A 583 -8.27 13.46 24.72
CA ILE A 583 -9.34 14.34 25.07
C ILE A 583 -9.43 14.08 26.55
N ASN A 584 -9.51 15.19 27.25
CA ASN A 584 -9.49 15.30 28.64
C ASN A 584 -10.84 15.75 28.67
N LYS A 585 -11.54 15.21 29.64
CA LYS A 585 -12.89 15.48 29.85
C LYS A 585 -12.91 16.81 30.64
N LEU A 586 -13.91 17.73 30.60
CA LEU A 586 -14.11 18.93 31.31
C LEU A 586 -14.44 18.48 32.64
N ASP A 587 -14.00 19.16 33.68
CA ASP A 587 -14.02 18.46 34.94
C ASP A 587 -13.24 17.18 34.92
N SER A 588 -12.17 17.11 34.05
CA SER A 588 -11.37 15.93 33.92
C SER A 588 -10.55 16.24 35.01
N GLN A 589 -9.79 15.26 35.34
CA GLN A 589 -9.27 15.43 36.56
C GLN A 589 -8.18 16.83 36.51
N MET A 590 -7.46 16.41 35.43
CA MET A 590 -6.56 17.03 34.58
C MET A 590 -7.18 18.25 33.97
N ASP A 591 -8.51 18.34 33.68
CA ASP A 591 -9.06 19.48 32.98
C ASP A 591 -8.90 20.68 33.76
N LYS A 592 -9.19 20.54 35.08
CA LYS A 592 -9.10 21.72 35.89
C LYS A 592 -7.70 22.24 35.95
N GLU A 593 -6.70 21.34 36.11
CA GLU A 593 -5.34 21.75 36.26
C GLU A 593 -4.86 22.41 35.00
N GLN A 594 -5.20 21.85 33.84
CA GLN A 594 -4.73 22.33 32.56
C GLN A 594 -5.25 23.70 32.30
N LYS A 595 -6.50 24.00 32.73
CA LYS A 595 -7.10 25.29 32.52
C LYS A 595 -6.39 26.30 33.38
N SER A 596 -5.94 25.89 34.59
CA SER A 596 -5.30 26.84 35.45
C SER A 596 -4.01 27.29 34.84
N SER A 597 -3.25 26.35 34.25
CA SER A 597 -1.97 26.61 33.66
C SER A 597 -2.15 27.40 32.40
N GLY A 598 -3.32 27.28 31.74
CA GLY A 598 -3.52 28.02 30.52
C GLY A 598 -2.94 27.21 29.40
N ASN A 599 -2.92 25.87 29.57
CA ASN A 599 -2.44 24.99 28.55
C ASN A 599 -3.58 24.12 28.16
N TYR A 600 -4.06 24.29 26.92
CA TYR A 600 -5.10 23.53 26.30
C TYR A 600 -4.58 22.30 25.63
N PHE A 601 -3.30 22.34 25.25
CA PHE A 601 -2.71 21.29 24.45
C PHE A 601 -1.35 21.06 25.03
N PHE A 602 -0.67 19.97 24.66
CA PHE A 602 0.66 19.68 25.17
C PHE A 602 1.39 19.24 23.99
N LEU A 603 2.75 19.25 24.03
CA LEU A 603 3.58 18.90 22.93
C LEU A 603 3.16 19.73 21.77
N ASP A 604 3.13 21.06 21.98
CA ASP A 604 2.68 21.98 20.97
C ASP A 604 3.50 21.72 19.75
N ASN A 605 2.84 21.76 18.58
CA ASN A 605 3.52 21.49 17.34
C ASN A 605 3.43 22.74 16.54
N THR A 606 4.41 22.96 15.65
CA THR A 606 4.41 24.12 14.82
C THR A 606 4.76 23.65 13.45
N GLY A 607 5.15 24.60 12.57
CA GLY A 607 5.49 24.23 11.23
C GLY A 607 6.75 23.43 11.31
N ILE A 608 7.03 22.64 10.25
CA ILE A 608 8.21 21.84 10.25
C ILE A 608 9.40 22.77 10.25
N ASP B 1 30.66 -35.78 -16.52
CA ASP B 1 30.76 -36.13 -15.10
C ASP B 1 31.56 -35.04 -14.41
N ASP B 2 31.47 -35.01 -13.09
CA ASP B 2 31.57 -33.76 -12.35
C ASP B 2 32.54 -33.92 -11.17
N LYS B 3 33.56 -33.07 -11.23
CA LYS B 3 34.92 -33.38 -10.77
C LYS B 3 35.37 -32.36 -9.72
N PHE B 4 35.70 -32.87 -8.54
CA PHE B 4 36.02 -32.09 -7.35
C PHE B 4 37.29 -32.62 -6.71
N GLY B 5 38.18 -31.72 -6.28
CA GLY B 5 39.53 -32.07 -5.86
C GLY B 5 39.91 -31.37 -4.56
N PHE B 6 40.60 -32.07 -3.67
CA PHE B 6 40.76 -31.61 -2.29
C PHE B 6 42.08 -32.04 -1.65
N ILE B 7 42.49 -31.27 -0.62
CA ILE B 7 43.82 -31.31 -0.03
C ILE B 7 43.72 -31.36 1.51
N VAL B 8 44.10 -32.51 2.07
CA VAL B 8 43.89 -32.88 3.49
C VAL B 8 45.25 -33.00 4.15
N MET B 9 45.55 -32.13 5.12
CA MET B 9 46.91 -31.87 5.59
C MET B 9 47.02 -31.85 7.12
N ASP B 10 48.22 -32.06 7.62
CA ASP B 10 48.51 -32.21 9.05
C ASP B 10 49.98 -31.86 9.35
N GLY B 11 50.92 -31.83 10.25
CA GLY B 11 52.40 -32.01 9.75
C GLY B 11 52.73 -33.60 9.56
N GLN B 12 51.76 -34.60 10.63
CA GLN B 12 52.23 -35.95 10.28
C GLN B 12 52.36 -36.17 8.77
N GLY B 13 51.45 -35.61 7.97
CA GLY B 13 51.34 -35.90 6.55
C GLY B 13 50.26 -35.09 5.83
N THR B 14 50.16 -35.30 4.52
CA THR B 14 49.20 -34.62 3.64
C THR B 14 48.79 -35.54 2.49
N LEU B 15 47.64 -35.28 1.88
CA LEU B 15 46.90 -36.24 1.08
C LEU B 15 46.00 -35.49 0.08
N PHE B 16 45.95 -35.95 -1.16
CA PHE B 16 45.14 -35.32 -2.22
C PHE B 16 44.29 -36.38 -2.92
N GLY B 17 43.08 -36.02 -3.33
CA GLY B 17 42.15 -36.98 -3.91
C GLY B 17 40.87 -36.36 -4.46
N SER B 18 39.95 -37.25 -4.93
CA SER B 18 38.70 -36.86 -5.54
C SER B 18 37.69 -38.00 -5.46
N VAL B 19 36.42 -37.69 -5.81
CA VAL B 19 35.37 -38.64 -6.09
C VAL B 19 34.68 -38.17 -7.37
N SER B 20 34.12 -39.11 -8.18
CA SER B 20 33.30 -38.84 -9.37
C SER B 20 32.30 -39.98 -9.55
N GLY B 21 31.07 -39.77 -9.08
CA GLY B 21 30.19 -40.86 -8.64
C GLY B 21 30.92 -41.83 -7.70
N ASN B 22 30.74 -43.16 -7.93
CA ASN B 22 31.32 -44.22 -7.14
C ASN B 22 32.84 -44.22 -7.02
N THR B 23 33.60 -43.94 -8.14
CA THR B 23 35.05 -43.72 -8.26
C THR B 23 35.62 -43.03 -7.05
N ARG B 24 36.94 -43.20 -6.77
CA ARG B 24 37.49 -42.72 -5.52
C ARG B 24 38.94 -43.14 -5.63
N THR B 25 39.92 -42.23 -5.45
CA THR B 25 41.29 -42.71 -5.47
C THR B 25 42.09 -41.51 -5.07
N VAL B 26 43.19 -41.75 -4.30
CA VAL B 26 44.11 -40.67 -3.97
C VAL B 26 45.06 -40.39 -5.13
N LEU B 27 45.80 -39.29 -5.02
CA LEU B 27 46.76 -38.91 -6.06
C LEU B 27 48.23 -38.95 -5.58
N HIS B 28 48.52 -38.35 -4.41
CA HIS B 28 49.88 -38.18 -3.87
C HIS B 28 49.82 -37.78 -2.38
N LYS B 29 50.95 -37.92 -1.66
CA LYS B 29 51.13 -37.63 -0.21
C LYS B 29 52.60 -37.38 0.18
N PHE B 30 52.87 -36.60 1.25
CA PHE B 30 54.23 -36.39 1.81
C PHE B 30 54.26 -35.85 3.26
N THR B 31 55.44 -35.67 3.88
CA THR B 31 55.63 -35.26 5.30
C THR B 31 56.87 -34.33 5.48
N VAL B 32 57.14 -33.83 6.70
CA VAL B 32 58.27 -32.91 7.03
C VAL B 32 58.93 -33.11 8.41
N ASP B 33 58.21 -32.84 9.50
CA ASP B 33 58.76 -33.00 10.84
C ASP B 33 58.59 -31.74 11.67
N LEU B 34 59.03 -31.80 12.93
CA LEU B 34 58.92 -30.66 13.83
C LEU B 34 58.20 -31.03 15.11
N PRO B 35 58.90 -30.94 16.24
CA PRO B 35 58.32 -31.27 17.55
C PRO B 35 57.24 -30.27 17.96
N LYS B 36 57.55 -28.94 18.03
CA LYS B 36 56.72 -27.85 18.51
C LYS B 36 57.64 -27.09 19.38
N LYS B 37 58.25 -26.05 18.78
CA LYS B 37 59.11 -25.15 19.48
C LYS B 37 58.24 -23.99 19.82
N HIS B 38 57.87 -23.94 21.11
CA HIS B 38 57.32 -22.83 21.85
C HIS B 38 57.50 -23.25 23.29
N GLY B 39 57.91 -24.54 23.50
CA GLY B 39 58.47 -25.07 24.71
C GLY B 39 59.95 -24.99 24.52
N ARG B 40 60.69 -26.03 25.01
CA ARG B 40 62.10 -26.04 25.16
C ARG B 40 63.08 -25.07 24.50
N GLY B 41 63.24 -24.91 23.16
CA GLY B 41 63.79 -23.67 22.55
C GLY B 41 64.90 -22.94 23.29
N GLY B 42 64.72 -21.62 23.62
CA GLY B 42 65.60 -20.95 24.56
C GLY B 42 65.74 -19.59 24.20
N GLN B 43 66.97 -19.07 24.34
CA GLN B 43 67.37 -17.75 23.91
C GLN B 43 67.10 -17.57 22.42
N SER B 44 66.55 -18.58 21.75
CA SER B 44 66.18 -18.67 20.39
C SER B 44 64.70 -18.99 20.23
N ALA B 45 63.75 -18.48 21.12
CA ALA B 45 62.30 -18.62 21.11
C ALA B 45 61.70 -18.18 19.79
N LEU B 46 62.51 -17.79 18.79
CA LEU B 46 62.08 -17.45 17.49
C LEU B 46 63.03 -17.98 16.45
N ARG B 47 64.33 -18.23 16.78
CA ARG B 47 65.39 -18.73 15.92
C ARG B 47 64.85 -19.97 15.24
N PHE B 48 64.58 -21.06 16.03
CA PHE B 48 64.14 -22.36 15.55
C PHE B 48 62.74 -22.41 14.98
N ALA B 49 61.80 -21.74 15.67
CA ALA B 49 60.39 -21.62 15.31
C ALA B 49 60.16 -21.00 13.95
N ARG B 50 60.97 -20.00 13.53
CA ARG B 50 60.81 -19.37 12.20
C ARG B 50 61.21 -20.26 11.01
N LEU B 51 62.03 -21.30 11.21
CA LEU B 51 62.25 -22.33 10.17
C LEU B 51 61.01 -23.16 9.90
N ARG B 52 60.11 -23.19 10.89
CA ARG B 52 59.09 -24.22 11.02
C ARG B 52 57.71 -23.83 10.54
N GLU B 53 57.46 -22.53 10.63
CA GLU B 53 56.31 -21.94 9.96
C GLU B 53 56.66 -21.65 8.49
N GLU B 54 57.93 -21.31 8.18
CA GLU B 54 58.49 -21.40 6.81
C GLU B 54 58.34 -22.78 6.18
N LYS B 55 58.69 -23.87 6.90
CA LYS B 55 58.51 -25.22 6.35
C LYS B 55 57.04 -25.62 6.22
N ARG B 56 56.12 -25.10 7.04
CA ARG B 56 54.69 -25.18 6.76
C ARG B 56 54.33 -24.39 5.49
N HIS B 57 54.77 -23.14 5.33
CA HIS B 57 54.51 -22.36 4.11
C HIS B 57 55.11 -22.98 2.84
N ASN B 58 56.27 -23.64 2.90
CA ASN B 58 56.80 -24.49 1.81
C ASN B 58 55.84 -25.65 1.52
N TYR B 59 55.46 -26.39 2.56
CA TYR B 59 54.57 -27.54 2.50
C TYR B 59 53.23 -27.18 1.87
N VAL B 60 52.58 -26.12 2.34
CA VAL B 60 51.20 -25.83 1.91
C VAL B 60 51.10 -25.23 0.51
N ARG B 61 52.09 -24.45 0.05
CA ARG B 61 52.12 -24.08 -1.38
C ARG B 61 52.63 -25.22 -2.28
N LYS B 62 53.53 -26.10 -1.82
CA LYS B 62 53.90 -27.31 -2.59
C LYS B 62 52.75 -28.33 -2.70
N VAL B 63 51.90 -28.42 -1.68
CA VAL B 63 50.59 -29.11 -1.70
C VAL B 63 49.69 -28.49 -2.76
N ALA B 64 49.40 -27.20 -2.62
CA ALA B 64 48.32 -26.55 -3.37
C ALA B 64 48.69 -26.26 -4.84
N GLU B 65 49.97 -25.97 -5.11
CA GLU B 65 50.55 -25.92 -6.46
C GLU B 65 50.45 -27.27 -7.17
N VAL B 66 50.76 -28.41 -6.51
CA VAL B 66 50.60 -29.73 -7.19
C VAL B 66 49.12 -30.03 -7.48
N ALA B 67 48.22 -29.68 -6.56
CA ALA B 67 46.78 -29.77 -6.81
C ALA B 67 46.36 -28.90 -8.01
N VAL B 68 46.86 -27.67 -8.15
CA VAL B 68 46.65 -26.82 -9.33
C VAL B 68 47.26 -27.46 -10.58
N GLN B 69 48.56 -27.73 -10.60
CA GLN B 69 49.31 -28.25 -11.75
C GLN B 69 48.90 -29.65 -12.25
N ASN B 70 48.01 -30.39 -11.56
CA ASN B 70 47.40 -31.60 -12.12
C ASN B 70 45.86 -31.65 -12.07
N PHE B 71 45.17 -30.80 -11.31
CA PHE B 71 43.72 -30.60 -11.52
C PHE B 71 43.44 -29.67 -12.70
N ILE B 72 44.26 -28.64 -12.96
CA ILE B 72 44.08 -27.70 -14.07
C ILE B 72 45.07 -27.88 -15.22
N THR B 73 44.47 -28.01 -16.39
CA THR B 73 44.99 -27.71 -17.72
C THR B 73 43.89 -26.93 -18.44
N ASN B 74 44.21 -25.76 -19.01
CA ASN B 74 43.29 -24.88 -19.78
C ASN B 74 42.59 -23.77 -18.93
N ASP B 75 43.40 -23.02 -18.18
CA ASP B 75 43.10 -21.87 -17.28
C ASP B 75 42.25 -22.10 -16.01
N LYS B 76 42.45 -21.18 -15.04
CA LYS B 76 41.78 -21.09 -13.73
C LYS B 76 41.85 -22.39 -12.90
N VAL B 77 40.73 -23.10 -12.74
CA VAL B 77 40.57 -24.42 -12.12
C VAL B 77 39.60 -25.22 -13.00
N ASN B 78 39.97 -26.46 -13.33
CA ASN B 78 39.22 -27.35 -14.23
C ASN B 78 38.14 -28.12 -13.45
N VAL B 79 38.53 -28.58 -12.25
CA VAL B 79 37.64 -28.77 -11.10
C VAL B 79 36.92 -27.46 -10.81
N LYS B 80 35.77 -27.53 -10.15
CA LYS B 80 34.89 -26.36 -9.95
C LYS B 80 34.77 -25.99 -8.44
N GLY B 81 35.68 -26.47 -7.57
CA GLY B 81 35.90 -26.07 -6.16
C GLY B 81 37.13 -26.74 -5.51
N LEU B 82 37.45 -26.36 -4.26
CA LEU B 82 38.58 -26.87 -3.45
C LEU B 82 38.17 -27.01 -1.98
N ILE B 83 38.67 -28.03 -1.27
CA ILE B 83 38.50 -28.21 0.19
C ILE B 83 39.86 -28.25 0.91
N LEU B 84 39.87 -27.81 2.18
CA LEU B 84 41.00 -27.90 3.13
C LEU B 84 40.62 -28.79 4.33
N ALA B 85 41.58 -29.53 4.89
CA ALA B 85 41.37 -30.28 6.14
C ALA B 85 42.61 -30.31 7.06
N GLY B 86 42.43 -30.67 8.33
CA GLY B 86 43.49 -30.86 9.33
C GLY B 86 43.02 -30.60 10.77
N SER B 87 43.93 -30.75 11.75
CA SER B 87 43.71 -30.27 13.12
C SER B 87 43.56 -28.74 13.19
N ALA B 88 43.03 -28.24 14.32
CA ALA B 88 42.48 -26.89 14.54
C ALA B 88 43.08 -25.76 13.70
N ASP B 89 44.23 -25.22 14.11
CA ASP B 89 44.80 -23.99 13.55
C ASP B 89 45.71 -24.25 12.33
N PHE B 90 46.15 -25.49 12.11
CA PHE B 90 47.08 -25.80 11.05
C PHE B 90 46.63 -25.53 9.63
N LYS B 91 45.35 -25.24 9.46
CA LYS B 91 44.63 -24.93 8.23
C LYS B 91 44.04 -23.51 8.22
N THR B 92 43.89 -22.87 9.38
CA THR B 92 43.58 -21.42 9.46
C THR B 92 44.80 -20.57 9.13
N ASP B 93 45.98 -21.08 9.50
CA ASP B 93 47.32 -20.61 9.10
C ASP B 93 47.61 -20.71 7.59
N LEU B 94 46.72 -21.38 6.83
CA LEU B 94 46.77 -21.42 5.37
C LEU B 94 45.85 -20.37 4.76
N ALA B 95 44.54 -20.47 5.03
CA ALA B 95 43.51 -19.68 4.38
C ALA B 95 43.59 -18.17 4.67
N LYS B 96 44.43 -17.75 5.61
CA LYS B 96 44.71 -16.35 5.97
C LYS B 96 46.23 -16.15 6.09
N SER B 97 46.95 -16.30 4.97
CA SER B 97 48.40 -16.07 4.89
C SER B 97 48.78 -15.40 3.57
N GLU B 98 49.97 -14.80 3.53
CA GLU B 98 50.59 -14.15 2.36
C GLU B 98 51.21 -15.17 1.38
N LEU B 99 51.08 -16.47 1.72
CA LEU B 99 51.91 -17.56 1.23
C LEU B 99 51.06 -18.76 0.78
N PHE B 100 49.73 -18.56 0.73
CA PHE B 100 48.78 -19.31 -0.07
C PHE B 100 48.48 -18.51 -1.32
N ASP B 101 48.69 -19.11 -2.50
CA ASP B 101 48.79 -18.39 -3.76
C ASP B 101 47.54 -17.53 -4.07
N PRO B 102 47.69 -16.22 -4.40
CA PRO B 102 46.55 -15.38 -4.79
C PRO B 102 45.79 -16.02 -5.94
N ARG B 103 44.44 -15.95 -5.89
CA ARG B 103 43.46 -16.58 -6.82
C ARG B 103 43.05 -17.98 -6.37
N LEU B 104 43.84 -18.65 -5.51
CA LEU B 104 43.53 -19.96 -4.93
C LEU B 104 42.73 -19.86 -3.62
N ALA B 105 43.06 -18.88 -2.78
CA ALA B 105 42.23 -18.47 -1.64
C ALA B 105 40.78 -18.12 -2.05
N CYS B 106 40.58 -17.65 -3.28
CA CYS B 106 39.29 -17.32 -3.87
C CYS B 106 38.42 -18.54 -4.27
N LYS B 107 38.83 -19.77 -3.93
CA LYS B 107 38.24 -21.04 -4.45
C LYS B 107 38.00 -22.12 -3.39
N VAL B 108 38.26 -21.84 -2.11
CA VAL B 108 37.88 -22.70 -0.98
C VAL B 108 36.34 -22.85 -0.94
N ILE B 109 35.82 -24.07 -0.76
CA ILE B 109 34.38 -24.37 -0.64
C ILE B 109 34.00 -25.08 0.65
N SER B 110 34.95 -25.71 1.36
CA SER B 110 34.80 -26.07 2.76
C SER B 110 36.15 -26.20 3.48
N ILE B 111 36.06 -26.24 4.80
CA ILE B 111 37.16 -26.26 5.76
C ILE B 111 36.73 -27.20 6.89
N VAL B 112 37.39 -28.35 7.01
CA VAL B 112 36.94 -29.44 7.90
C VAL B 112 38.04 -29.86 8.86
N ASP B 113 37.59 -30.13 10.06
CA ASP B 113 38.38 -30.81 11.01
C ASP B 113 38.19 -32.35 10.82
N VAL B 114 39.24 -33.21 11.11
CA VAL B 114 39.20 -34.67 11.15
C VAL B 114 40.08 -35.11 12.31
N SER B 115 39.56 -36.00 13.15
CA SER B 115 40.19 -36.43 14.42
C SER B 115 41.57 -37.09 14.20
N TYR B 116 41.73 -37.61 13.01
CA TYR B 116 42.98 -38.19 12.53
C TYR B 116 43.04 -38.09 11.00
N GLY B 117 44.25 -38.15 10.44
CA GLY B 117 44.51 -37.93 9.01
C GLY B 117 44.72 -39.23 8.22
N GLY B 118 45.33 -39.09 7.04
CA GLY B 118 45.54 -40.20 6.11
C GLY B 118 44.22 -40.80 5.60
N GLU B 119 44.28 -42.03 5.11
CA GLU B 119 43.15 -42.73 4.48
C GLU B 119 41.93 -42.90 5.40
N ASN B 120 42.15 -43.02 6.72
CA ASN B 120 41.10 -43.03 7.74
C ASN B 120 40.42 -41.65 7.92
N GLY B 121 41.18 -40.57 7.78
CA GLY B 121 40.66 -39.19 7.74
C GLY B 121 40.07 -38.80 6.38
N PHE B 122 40.40 -39.51 5.30
CA PHE B 122 39.88 -39.25 3.96
C PHE B 122 38.42 -39.68 3.80
N ASN B 123 38.07 -40.86 4.33
CA ASN B 123 36.67 -41.31 4.37
C ASN B 123 35.82 -40.35 5.23
N GLN B 124 36.34 -39.97 6.41
CA GLN B 124 35.77 -38.94 7.30
C GLN B 124 35.56 -37.57 6.63
N ALA B 125 36.49 -37.16 5.75
CA ALA B 125 36.40 -35.93 4.96
C ALA B 125 35.41 -36.00 3.77
N ILE B 126 35.18 -37.19 3.18
CA ILE B 126 34.06 -37.42 2.25
C ILE B 126 32.73 -37.40 3.00
N GLU B 127 32.65 -38.10 4.13
CA GLU B 127 31.41 -38.42 4.84
C GLU B 127 30.79 -37.19 5.51
N LEU B 128 31.55 -36.44 6.32
CA LEU B 128 31.05 -35.23 6.98
C LEU B 128 30.99 -34.01 6.04
N SER B 129 31.66 -34.11 4.90
CA SER B 129 31.67 -33.03 3.91
C SER B 129 30.37 -33.05 3.10
N ALA B 130 29.72 -34.20 3.07
CA ALA B 130 28.47 -34.36 2.34
C ALA B 130 27.62 -33.10 2.49
N GLU B 131 27.56 -32.59 3.71
CA GLU B 131 26.78 -31.39 3.99
C GLU B 131 27.27 -30.24 3.14
N ALA B 132 28.59 -30.03 3.13
CA ALA B 132 29.20 -28.96 2.35
C ALA B 132 28.84 -29.12 0.87
N LEU B 133 28.94 -30.35 0.38
CA LEU B 133 28.62 -30.65 -1.01
C LEU B 133 27.19 -30.23 -1.33
N ALA B 134 26.26 -30.67 -0.48
CA ALA B 134 24.85 -30.33 -0.67
C ALA B 134 24.67 -28.82 -0.70
N ASN B 135 25.30 -28.13 0.24
CA ASN B 135 25.23 -26.69 0.31
C ASN B 135 25.66 -26.04 -1.00
N VAL B 136 26.84 -26.45 -1.49
CA VAL B 136 27.36 -25.93 -2.73
C VAL B 136 26.36 -26.16 -3.87
N LYS B 137 25.88 -27.39 -3.98
CA LYS B 137 24.91 -27.74 -5.01
C LYS B 137 23.73 -26.77 -4.99
N TYR B 138 23.17 -26.59 -3.80
CA TYR B 138 22.03 -25.68 -3.63
C TYR B 138 22.39 -24.29 -4.12
N VAL B 139 23.44 -23.72 -3.54
CA VAL B 139 23.90 -22.39 -3.92
C VAL B 139 23.93 -22.25 -5.44
N GLN B 140 24.51 -23.25 -6.11
CA GLN B 140 24.60 -23.25 -7.56
C GLN B 140 23.21 -23.22 -8.19
N GLU B 141 22.48 -24.31 -8.06
CA GLU B 141 21.14 -24.42 -8.64
C GLU B 141 20.17 -23.32 -8.19
N LYS B 142 19.29 -23.63 -7.23
CA LYS B 142 18.34 -22.79 -6.63
C LYS B 142 18.62 -21.42 -6.75
N LYS B 143 19.51 -20.94 -5.89
CA LYS B 143 20.01 -19.57 -5.83
C LYS B 143 20.22 -19.02 -7.23
N LEU B 144 21.45 -19.10 -7.72
CA LEU B 144 21.76 -18.60 -9.05
C LEU B 144 20.50 -18.56 -9.91
N LEU B 145 19.89 -19.72 -10.28
CA LEU B 145 18.54 -19.81 -10.82
C LEU B 145 17.48 -18.85 -10.33
N GLU B 146 16.76 -19.16 -9.23
CA GLU B 146 15.85 -18.27 -8.55
C GLU B 146 16.24 -16.82 -8.59
N ALA B 147 17.46 -16.42 -8.12
CA ALA B 147 18.09 -15.15 -8.39
C ALA B 147 18.01 -14.66 -9.82
N TYR B 148 19.05 -14.78 -10.77
CA TYR B 148 19.10 -14.24 -12.12
C TYR B 148 17.69 -14.17 -12.66
N PHE B 149 17.13 -15.33 -12.97
CA PHE B 149 15.78 -15.43 -13.51
C PHE B 149 14.92 -14.22 -13.17
N ASP B 150 14.20 -14.31 -12.05
CA ASP B 150 13.33 -13.23 -11.62
C ASP B 150 14.09 -11.92 -11.53
N GLU B 151 15.07 -11.88 -10.64
CA GLU B 151 15.90 -10.70 -10.42
C GLU B 151 15.95 -9.80 -11.65
N ILE B 152 15.95 -10.40 -12.84
CA ILE B 152 16.01 -9.59 -14.05
C ILE B 152 15.56 -10.29 -15.34
N SER B 153 14.27 -10.72 -15.33
CA SER B 153 13.65 -11.37 -16.46
C SER B 153 14.18 -10.72 -17.72
N GLN B 154 13.95 -9.40 -17.97
CA GLN B 154 14.59 -8.67 -19.05
C GLN B 154 13.49 -7.89 -19.68
N ASP B 155 12.98 -6.92 -18.93
CA ASP B 155 11.76 -6.13 -19.06
C ASP B 155 11.41 -5.71 -20.46
N THR B 156 10.08 -5.65 -20.69
CA THR B 156 9.37 -5.44 -21.93
C THR B 156 8.99 -6.80 -22.48
N GLY B 157 9.92 -7.79 -22.40
CA GLY B 157 9.75 -9.03 -23.12
C GLY B 157 11.04 -9.39 -23.77
N LYS B 158 11.98 -9.88 -23.02
CA LYS B 158 13.23 -10.21 -23.54
C LYS B 158 13.28 -11.68 -23.21
N PHE B 159 12.12 -12.44 -23.41
CA PHE B 159 11.71 -13.70 -22.80
C PHE B 159 10.78 -14.32 -23.79
N CYS B 160 10.71 -15.66 -23.57
CA CYS B 160 9.70 -16.49 -24.07
C CYS B 160 9.59 -17.57 -23.02
N TYR B 161 8.46 -18.28 -23.11
CA TYR B 161 8.03 -19.50 -22.44
C TYR B 161 7.31 -20.43 -23.40
N GLY B 162 7.16 -21.68 -23.00
CA GLY B 162 6.51 -22.66 -23.84
C GLY B 162 7.45 -23.18 -24.90
N ILE B 163 7.06 -24.25 -25.58
CA ILE B 163 7.93 -24.82 -26.62
C ILE B 163 7.94 -23.94 -27.86
N ASP B 164 6.56 -23.56 -28.22
CA ASP B 164 6.29 -22.73 -29.37
C ASP B 164 7.12 -21.50 -29.33
N ASP B 165 7.02 -20.72 -28.23
CA ASP B 165 7.75 -19.49 -28.10
C ASP B 165 9.24 -19.70 -27.99
N THR B 166 9.67 -20.52 -26.99
CA THR B 166 11.07 -20.74 -26.65
C THR B 166 11.84 -21.29 -27.86
N LEU B 167 11.26 -22.14 -28.72
CA LEU B 167 11.87 -22.62 -29.95
C LEU B 167 12.03 -21.66 -31.11
N LYS B 168 11.01 -20.86 -31.55
CA LYS B 168 11.21 -19.86 -32.62
C LYS B 168 12.31 -18.91 -32.26
N ALA B 169 12.29 -18.36 -31.02
CA ALA B 169 13.30 -17.44 -30.57
C ALA B 169 14.67 -18.10 -30.47
N LEU B 170 14.74 -19.43 -30.20
CA LEU B 170 15.97 -20.20 -30.20
C LEU B 170 16.44 -20.47 -31.62
N ASP B 171 15.50 -20.52 -32.55
CA ASP B 171 15.84 -20.69 -33.94
C ASP B 171 16.32 -19.34 -34.45
N LEU B 172 15.85 -18.21 -33.86
CA LEU B 172 16.13 -16.88 -34.32
C LEU B 172 17.47 -16.45 -33.80
N GLY B 173 18.09 -17.25 -32.90
CA GLY B 173 19.30 -16.86 -32.23
C GLY B 173 19.13 -15.69 -31.32
N ALA B 174 17.88 -15.38 -30.90
CA ALA B 174 17.62 -14.26 -30.03
C ALA B 174 17.70 -14.64 -28.57
N VAL B 175 17.91 -15.94 -28.21
CA VAL B 175 17.94 -16.42 -26.87
C VAL B 175 19.31 -16.64 -26.37
N GLU B 176 19.80 -15.79 -25.41
CA GLU B 176 21.11 -15.89 -24.80
C GLU B 176 21.23 -17.20 -24.09
N LYS B 177 20.20 -17.51 -23.27
CA LYS B 177 20.22 -18.70 -22.46
C LYS B 177 18.94 -19.45 -22.47
N LEU B 178 18.94 -20.73 -22.83
CA LEU B 178 17.70 -21.46 -22.83
C LEU B 178 17.57 -22.21 -21.55
N ILE B 179 16.38 -22.14 -20.97
CA ILE B 179 16.05 -22.79 -19.71
C ILE B 179 14.98 -23.85 -19.92
N VAL B 180 15.46 -25.07 -19.61
CA VAL B 180 14.84 -26.35 -19.79
C VAL B 180 14.70 -26.85 -18.35
N PHE B 181 14.92 -28.16 -18.11
CA PHE B 181 14.82 -28.88 -16.85
C PHE B 181 15.42 -30.15 -17.36
N GLU B 182 14.93 -31.33 -16.98
CA GLU B 182 15.57 -32.58 -17.26
C GLU B 182 14.43 -33.41 -17.74
N ASN B 183 13.31 -33.39 -16.96
CA ASN B 183 12.20 -34.29 -17.24
C ASN B 183 11.23 -33.69 -18.25
N LEU B 184 11.76 -32.83 -19.12
CA LEU B 184 10.95 -32.17 -20.13
C LEU B 184 9.72 -33.01 -20.46
N GLU B 185 8.59 -32.34 -20.67
CA GLU B 185 7.33 -33.01 -20.99
C GLU B 185 6.93 -32.74 -22.43
N THR B 186 7.80 -32.07 -23.18
CA THR B 186 7.49 -31.76 -24.57
C THR B 186 8.55 -32.35 -25.49
N ILE B 187 8.11 -32.97 -26.57
CA ILE B 187 9.02 -33.56 -27.53
C ILE B 187 8.55 -33.28 -28.96
N ARG B 188 9.45 -33.41 -29.93
CA ARG B 188 9.12 -33.14 -31.31
C ARG B 188 8.60 -34.39 -32.02
N TYR B 189 7.36 -34.30 -32.50
CA TYR B 189 6.74 -35.40 -33.21
C TYR B 189 6.44 -34.99 -34.64
N THR B 190 6.35 -35.96 -35.53
CA THR B 190 6.07 -35.69 -36.93
C THR B 190 4.76 -36.32 -37.37
N PHE B 191 3.74 -35.59 -37.80
CA PHE B 191 2.60 -36.33 -38.28
C PHE B 191 2.52 -35.90 -39.71
N LYS B 192 2.91 -36.73 -40.77
CA LYS B 192 3.07 -36.36 -42.22
C LYS B 192 2.69 -37.20 -43.47
N ASP B 193 3.29 -36.94 -44.76
CA ASP B 193 2.70 -37.68 -45.90
C ASP B 193 3.64 -38.09 -47.07
N ALA B 194 3.07 -38.17 -48.28
CA ALA B 194 3.78 -38.60 -49.51
C ALA B 194 4.86 -37.64 -50.02
N GLU B 195 4.68 -36.37 -49.68
CA GLU B 195 5.63 -35.30 -49.95
C GLU B 195 5.37 -34.09 -49.06
N ASP B 196 5.29 -34.32 -47.75
CA ASP B 196 5.05 -33.25 -46.79
C ASP B 196 4.59 -33.81 -45.46
N ASN B 197 5.03 -32.87 -44.50
CA ASN B 197 4.80 -32.82 -43.09
C ASN B 197 4.74 -31.56 -42.27
N GLU B 198 4.23 -31.86 -41.04
CA GLU B 198 3.88 -31.06 -39.91
C GLU B 198 4.64 -31.57 -38.72
N VAL B 199 5.02 -30.64 -37.83
CA VAL B 199 5.68 -30.89 -36.56
C VAL B 199 4.79 -30.28 -35.52
N ILE B 200 4.31 -31.06 -34.50
CA ILE B 200 3.63 -30.46 -33.36
C ILE B 200 4.28 -30.86 -32.03
N LYS B 201 3.99 -30.09 -31.00
CA LYS B 201 4.51 -30.33 -29.65
C LYS B 201 3.47 -31.01 -28.78
N PHE B 202 3.78 -32.20 -28.29
CA PHE B 202 2.85 -32.96 -27.46
C PHE B 202 3.42 -33.35 -26.11
N ALA B 203 2.53 -33.55 -25.14
CA ALA B 203 2.93 -33.94 -23.80
C ALA B 203 2.41 -35.33 -23.46
N GLU B 204 1.61 -35.41 -22.39
CA GLU B 204 1.06 -36.68 -21.96
C GLU B 204 -0.45 -36.72 -22.20
N PRO B 205 -1.19 -35.91 -21.46
CA PRO B 205 -2.65 -35.86 -21.59
C PRO B 205 -3.09 -35.58 -23.03
N GLU B 206 -3.59 -36.61 -23.70
CA GLU B 206 -4.05 -36.47 -25.08
C GLU B 206 -5.57 -36.38 -25.12
N ALA B 207 -5.98 -35.11 -25.19
CA ALA B 207 -7.36 -34.70 -25.44
C ALA B 207 -7.39 -34.05 -26.88
N LYS B 208 -7.71 -32.77 -26.94
CA LYS B 208 -7.77 -32.05 -28.21
C LYS B 208 -6.48 -32.28 -29.01
N ASP B 209 -5.37 -32.42 -28.29
CA ASP B 209 -4.08 -32.65 -28.91
C ASP B 209 -4.21 -33.67 -30.03
N LYS B 210 -4.43 -34.92 -29.66
CA LYS B 210 -4.59 -35.98 -30.65
C LYS B 210 -5.60 -35.50 -31.67
N SER B 211 -6.62 -34.80 -31.19
CA SER B 211 -7.66 -34.25 -32.05
C SER B 211 -7.05 -33.70 -33.32
N PHE B 212 -6.44 -32.51 -33.23
CA PHE B 212 -5.82 -31.89 -34.40
C PHE B 212 -4.85 -32.86 -35.09
N ALA B 213 -3.56 -32.54 -34.97
CA ALA B 213 -2.42 -33.19 -35.51
C ALA B 213 -2.29 -32.75 -36.95
N ILE B 214 -3.35 -32.92 -37.79
CA ILE B 214 -3.58 -32.10 -38.95
C ILE B 214 -3.77 -30.59 -38.74
N ASP B 215 -4.09 -29.93 -39.87
CA ASP B 215 -4.60 -28.65 -40.30
C ASP B 215 -6.07 -28.91 -40.47
N LYS B 216 -6.56 -28.81 -41.75
CA LYS B 216 -7.95 -28.66 -42.09
C LYS B 216 -8.24 -29.21 -43.49
N ALA B 217 -7.57 -28.73 -44.58
CA ALA B 217 -8.12 -28.82 -45.93
C ALA B 217 -8.08 -30.26 -46.43
N THR B 218 -6.86 -30.77 -46.62
CA THR B 218 -6.68 -32.14 -47.10
C THR B 218 -7.59 -33.10 -46.35
N GLY B 219 -7.85 -32.79 -45.09
CA GLY B 219 -8.72 -33.63 -44.27
C GLY B 219 -8.10 -34.98 -43.99
N GLN B 220 -7.25 -35.19 -42.99
CA GLN B 220 -6.59 -36.49 -42.80
C GLN B 220 -6.43 -36.61 -41.32
N GLU B 221 -6.91 -37.72 -40.69
CA GLU B 221 -6.99 -37.87 -39.24
C GLU B 221 -5.60 -37.85 -38.65
N MET B 222 -4.91 -38.96 -38.28
CA MET B 222 -3.46 -38.90 -38.28
C MET B 222 -2.63 -40.17 -38.36
N ASP B 223 -1.29 -40.01 -38.63
CA ASP B 223 -0.28 -41.04 -38.48
C ASP B 223 1.05 -40.43 -38.05
N VAL B 224 1.55 -40.74 -36.82
CA VAL B 224 2.90 -40.48 -36.32
C VAL B 224 3.91 -41.38 -37.04
N VAL B 225 5.00 -40.77 -37.49
CA VAL B 225 6.06 -41.51 -38.18
C VAL B 225 7.28 -41.68 -37.30
N SER B 226 7.62 -40.63 -36.55
CA SER B 226 8.77 -40.64 -35.66
C SER B 226 8.55 -39.69 -34.48
N GLU B 227 9.38 -39.82 -33.47
CA GLU B 227 9.28 -38.97 -32.29
C GLU B 227 10.67 -38.67 -31.73
N GLU B 228 11.04 -37.39 -31.73
CA GLU B 228 12.35 -36.97 -31.23
C GLU B 228 12.21 -36.09 -30.00
N PRO B 229 12.85 -36.47 -28.88
CA PRO B 229 12.81 -35.69 -27.65
C PRO B 229 13.32 -34.27 -27.90
N LEU B 230 12.50 -33.24 -27.48
CA LEU B 230 12.88 -31.85 -27.48
C LEU B 230 13.94 -31.59 -26.54
N ILE B 231 13.86 -32.12 -25.30
CA ILE B 231 14.91 -31.87 -24.31
C ILE B 231 16.25 -32.35 -24.86
N GLU B 232 16.27 -33.60 -25.33
CA GLU B 232 17.47 -34.17 -25.89
C GLU B 232 17.93 -33.35 -27.09
N TRP B 233 16.96 -32.97 -28.03
CA TRP B 233 17.20 -32.40 -29.39
C TRP B 233 17.82 -31.13 -29.17
N LEU B 234 17.36 -30.42 -28.12
CA LEU B 234 17.89 -29.19 -27.64
C LEU B 234 19.19 -29.48 -26.95
N ALA B 235 19.32 -30.58 -26.16
CA ALA B 235 20.39 -30.91 -25.22
C ALA B 235 21.64 -31.16 -25.96
N ALA B 236 21.41 -31.42 -27.23
CA ALA B 236 22.40 -31.81 -28.24
C ALA B 236 22.51 -30.78 -29.36
N ASN B 237 21.67 -29.74 -29.50
CA ASN B 237 21.82 -28.86 -30.65
C ASN B 237 21.83 -27.44 -30.17
N TYR B 238 22.52 -27.17 -29.04
CA TYR B 238 22.38 -25.92 -28.32
C TYR B 238 23.30 -24.93 -28.89
N LYS B 239 24.49 -25.41 -29.29
CA LYS B 239 25.42 -24.68 -30.08
C LYS B 239 24.76 -24.14 -31.32
N ASN B 240 23.83 -24.91 -31.98
CA ASN B 240 23.35 -24.43 -33.28
C ASN B 240 22.52 -23.16 -33.09
N PHE B 241 21.74 -23.15 -32.02
CA PHE B 241 20.87 -22.01 -31.71
C PHE B 241 21.64 -20.92 -30.96
N GLY B 242 22.85 -21.25 -30.53
CA GLY B 242 23.68 -20.30 -29.79
C GLY B 242 23.19 -20.08 -28.37
N ALA B 243 22.12 -20.77 -28.00
CA ALA B 243 21.55 -20.65 -26.67
C ALA B 243 22.26 -21.60 -25.71
N THR B 244 22.24 -21.23 -24.39
CA THR B 244 23.27 -21.72 -23.45
C THR B 244 22.57 -22.49 -22.42
N LEU B 245 23.06 -23.70 -22.07
CA LEU B 245 22.21 -24.61 -21.34
C LEU B 245 22.47 -25.16 -19.99
N GLU B 246 21.32 -25.17 -19.29
CA GLU B 246 21.09 -25.34 -17.91
C GLU B 246 19.89 -26.23 -17.91
N PHE B 247 20.02 -27.32 -17.15
CA PHE B 247 19.06 -28.34 -16.90
C PHE B 247 18.79 -28.12 -15.45
N ILE B 248 17.60 -28.49 -14.94
CA ILE B 248 17.31 -28.26 -13.53
C ILE B 248 16.19 -29.26 -13.14
N THR B 249 15.97 -29.54 -11.83
CA THR B 249 14.90 -30.34 -11.26
C THR B 249 13.96 -29.48 -10.41
N ASP B 250 13.53 -30.01 -9.28
CA ASP B 250 12.63 -29.30 -8.38
C ASP B 250 13.13 -29.38 -6.94
N LYS B 251 13.85 -28.34 -6.51
CA LYS B 251 14.38 -28.30 -5.15
C LYS B 251 14.94 -26.91 -4.84
N SER B 252 14.15 -26.09 -4.15
CA SER B 252 14.56 -24.74 -3.79
C SER B 252 13.39 -23.77 -3.91
N SER B 253 13.56 -22.53 -3.37
CA SER B 253 12.54 -21.55 -3.01
C SER B 253 11.52 -21.36 -4.12
N GLU B 254 11.70 -20.26 -4.84
CA GLU B 254 11.42 -20.04 -6.23
C GLU B 254 11.56 -21.22 -7.23
N GLY B 255 12.09 -22.40 -6.82
CA GLY B 255 12.06 -23.69 -7.50
C GLY B 255 10.65 -24.10 -7.92
N ALA B 256 9.70 -24.15 -6.96
CA ALA B 256 8.27 -24.43 -7.12
C ALA B 256 7.61 -23.49 -8.13
N GLN B 257 8.24 -22.36 -8.41
CA GLN B 257 7.68 -21.41 -9.37
C GLN B 257 7.75 -21.96 -10.79
N PHE B 258 8.87 -22.62 -11.13
CA PHE B 258 9.11 -23.21 -12.42
C PHE B 258 8.12 -24.32 -12.71
N VAL B 259 7.83 -25.17 -11.78
CA VAL B 259 6.89 -26.25 -11.97
C VAL B 259 5.49 -25.73 -12.28
N THR B 260 5.07 -24.72 -11.51
CA THR B 260 3.75 -24.11 -11.71
C THR B 260 3.74 -23.23 -12.94
N GLY B 261 4.89 -22.69 -13.29
CA GLY B 261 5.02 -21.82 -14.46
C GLY B 261 6.04 -22.33 -15.46
N PHE B 262 7.30 -22.51 -15.20
CA PHE B 262 8.22 -22.42 -16.32
C PHE B 262 8.76 -23.80 -16.27
N GLY B 263 7.90 -24.72 -16.81
CA GLY B 263 7.73 -26.10 -16.36
C GLY B 263 8.70 -26.96 -17.02
N GLY B 264 9.94 -26.63 -16.70
CA GLY B 264 11.08 -27.23 -17.26
C GLY B 264 11.43 -26.45 -18.42
N ILE B 265 11.17 -25.14 -18.44
CA ILE B 265 11.14 -24.48 -19.72
C ILE B 265 11.46 -23.04 -19.39
N GLY B 266 11.80 -22.27 -20.49
CA GLY B 266 12.02 -20.84 -20.41
C GLY B 266 13.21 -20.41 -21.26
N ALA B 267 13.04 -19.36 -22.09
CA ALA B 267 14.11 -18.81 -22.88
C ALA B 267 14.38 -17.40 -22.42
N MET B 268 15.68 -17.04 -22.18
CA MET B 268 16.13 -15.71 -21.83
C MET B 268 16.86 -15.06 -22.97
N LEU B 269 16.48 -13.85 -23.43
CA LEU B 269 17.03 -13.24 -24.63
C LEU B 269 18.25 -12.36 -24.49
N ARG B 270 19.03 -12.28 -25.61
CA ARG B 270 20.23 -11.50 -25.79
C ARG B 270 20.02 -10.02 -25.95
N TYR B 271 18.93 -9.62 -26.64
CA TYR B 271 18.86 -8.29 -27.19
C TYR B 271 17.59 -7.68 -26.74
N LYS B 272 16.41 -8.33 -27.06
CA LYS B 272 15.01 -7.92 -26.89
C LYS B 272 14.21 -8.46 -28.08
N VAL B 273 12.99 -9.07 -27.96
CA VAL B 273 12.30 -9.65 -29.14
C VAL B 273 10.93 -9.11 -29.41
N ASN B 274 10.42 -9.66 -30.54
CA ASN B 274 9.08 -9.77 -30.99
C ASN B 274 8.83 -11.25 -30.76
N PHE B 275 7.71 -11.57 -30.10
CA PHE B 275 7.30 -12.81 -29.47
C PHE B 275 6.85 -13.71 -30.59
N GLU B 276 6.53 -15.03 -30.33
CA GLU B 276 6.27 -15.92 -31.42
C GLU B 276 5.15 -15.48 -32.30
N GLN B 277 5.15 -16.03 -33.52
CA GLN B 277 4.02 -15.91 -34.38
C GLN B 277 3.40 -17.29 -34.44
N LEU B 278 2.57 -17.47 -35.47
CA LEU B 278 1.72 -18.61 -35.78
C LEU B 278 1.01 -18.42 -37.12
N VAL B 279 -0.30 -18.63 -37.13
CA VAL B 279 -1.09 -18.49 -38.35
C VAL B 279 -2.58 -18.45 -38.03
N ASP B 280 -3.00 -19.30 -37.10
CA ASP B 280 -4.41 -19.37 -36.70
C ASP B 280 -5.01 -17.98 -36.57
N GLU B 281 -4.16 -16.96 -36.60
CA GLU B 281 -4.61 -15.58 -36.48
C GLU B 281 -5.11 -15.05 -37.82
N SER B 282 -5.87 -13.94 -37.77
CA SER B 282 -6.41 -13.35 -38.98
C SER B 282 -5.97 -11.90 -39.12
#